data_5F34
#
_entry.id   5F34
#
_cell.length_a   81.080
_cell.length_b   80.270
_cell.length_c   97.380
_cell.angle_alpha   90.00
_cell.angle_beta   110.92
_cell.angle_gamma   90.00
#
_symmetry.space_group_name_H-M   'P 1 21 1'
#
loop_
_entity.id
_entity.type
_entity.pdbx_description
1 polymer 'Phosphatidylinositol mannoside acyltransferase'
2 non-polymer '[[(2~{R},3~{S},4~{R},5~{R})-5-(6-aminopurin-9-yl)-4-oxidanyl-3-phosphonooxy-oxolan-2-yl]methoxy-oxidanyl-phosphoryl] [(3~{S})-4-[[3-(2-hexadecylsulfanylethylamino)-3-oxidanylidene-propyl]amino]-2,2-dimethyl-3-oxidanyl-4-oxidanylidene-butyl] hydrogen phosphate'
3 water water
#
_entity_poly.entity_id   1
_entity_poly.type   'polypeptide(L)'
_entity_poly.pdbx_seq_one_letter_code
;MPEVVFGSVTDLGYAAGWRLVRAMPEAMAQGVFGAGARYAARNGGPEQLRRNLARVVGKPPADVPDDLIRASLASYARYW
REAFRLPAMDHGRLGEQLDVIDIDHLWSALDAGRGAVLALPHSGNWDMAGVWLVQNYGPFTTVAERLKPESLYRRFVEYR
ESLGFEVLPLTGGERPPFEVLAERLTDNRPICLMAERDLTRSGVQVDFFGEATRMPAGPAKLAIETGAALFPVHCWFEGD
GWGMRVYPELDTSSGDVTAITQALADRFAANIATYPADWHMLQPQWIADLSDERRARLGTSRHHHHHH
;
_entity_poly.pdbx_strand_id   A,B,C,D
#
# COMPACT_ATOMS: atom_id res chain seq x y z
N PRO A 46 8.95 -13.42 21.62
CA PRO A 46 8.15 -12.26 21.20
C PRO A 46 7.31 -11.66 22.33
N GLU A 47 6.78 -12.50 23.21
CA GLU A 47 5.93 -12.05 24.31
C GLU A 47 6.75 -11.26 25.33
N GLN A 48 7.97 -11.75 25.56
CA GLN A 48 8.89 -11.06 26.46
C GLN A 48 9.32 -9.76 25.82
N LEU A 49 9.46 -9.77 24.50
CA LEU A 49 9.78 -8.56 23.77
C LEU A 49 8.66 -7.53 23.91
N ARG A 50 7.41 -7.97 23.78
CA ARG A 50 6.27 -7.08 23.95
C ARG A 50 6.26 -6.52 25.37
N ARG A 51 6.59 -7.40 26.31
CA ARG A 51 6.56 -7.03 27.71
C ARG A 51 7.70 -6.06 27.99
N ASN A 52 8.80 -6.23 27.29
CA ASN A 52 9.94 -5.33 27.40
C ASN A 52 9.67 -3.97 26.72
N LEU A 53 9.06 -4.00 25.54
CA LEU A 53 8.71 -2.75 24.87
C LEU A 53 7.74 -2.00 25.76
N ALA A 54 6.96 -2.75 26.52
CA ALA A 54 6.03 -2.20 27.47
C ALA A 54 6.79 -1.35 28.48
N ARG A 55 7.98 -1.83 28.85
CA ARG A 55 8.83 -1.11 29.78
C ARG A 55 9.28 0.15 29.02
N VAL A 56 9.64 -0.06 27.75
CA VAL A 56 10.19 1.00 26.91
C VAL A 56 9.25 2.18 26.64
N VAL A 57 7.98 1.90 26.41
CA VAL A 57 7.02 2.94 26.03
C VAL A 57 6.17 3.43 27.20
N GLY A 58 6.31 2.77 28.36
CA GLY A 58 5.62 3.20 29.55
C GLY A 58 4.12 2.94 29.54
N LYS A 59 3.75 1.72 29.15
CA LYS A 59 2.36 1.31 29.08
C LYS A 59 2.29 -0.11 29.61
N PRO A 60 1.11 -0.54 30.10
CA PRO A 60 1.07 -1.96 30.47
C PRO A 60 1.27 -2.84 29.23
N PRO A 61 1.88 -4.03 29.43
CA PRO A 61 2.20 -4.92 28.30
C PRO A 61 1.07 -5.16 27.30
N ALA A 62 -0.14 -5.28 27.81
CA ALA A 62 -1.29 -5.57 26.95
C ALA A 62 -1.62 -4.44 25.98
N ASP A 63 -1.22 -3.21 26.31
CA ASP A 63 -1.60 -2.07 25.49
C ASP A 63 -0.49 -1.57 24.56
N VAL A 64 0.66 -2.24 24.57
CA VAL A 64 1.75 -1.85 23.69
C VAL A 64 1.29 -2.00 22.23
N PRO A 65 1.43 -0.92 21.43
CA PRO A 65 0.88 -1.03 20.07
C PRO A 65 1.43 -2.24 19.31
N ASP A 66 0.54 -2.97 18.66
CA ASP A 66 0.89 -4.15 17.88
C ASP A 66 1.95 -3.84 16.81
N ASP A 67 1.78 -2.71 16.15
CA ASP A 67 2.67 -2.27 15.08
C ASP A 67 4.11 -2.11 15.59
N LEU A 68 4.27 -1.66 16.83
CA LEU A 68 5.61 -1.53 17.41
C LEU A 68 6.25 -2.91 17.58
N ILE A 69 5.51 -3.85 18.15
CA ILE A 69 5.99 -5.22 18.32
C ILE A 69 6.34 -5.83 16.96
N ARG A 70 5.48 -5.57 15.97
CA ARG A 70 5.71 -6.05 14.62
C ARG A 70 7.00 -5.45 14.05
N ALA A 71 7.14 -4.13 14.17
CA ALA A 71 8.30 -3.45 13.63
C ALA A 71 9.57 -3.94 14.32
N SER A 72 9.46 -4.23 15.62
CA SER A 72 10.61 -4.70 16.37
C SER A 72 11.00 -6.10 15.89
N LEU A 73 9.99 -6.92 15.63
CA LEU A 73 10.26 -8.25 15.08
C LEU A 73 10.86 -8.17 13.69
N ALA A 74 10.37 -7.23 12.89
CA ALA A 74 10.92 -7.04 11.55
C ALA A 74 12.38 -6.57 11.61
N SER A 75 12.69 -5.69 12.56
CA SER A 75 14.05 -5.20 12.69
C SER A 75 14.97 -6.34 13.15
N TYR A 76 14.47 -7.15 14.07
CA TYR A 76 15.19 -8.33 14.55
C TYR A 76 15.50 -9.32 13.41
N ALA A 77 14.47 -9.58 12.61
CA ALA A 77 14.64 -10.46 11.47
C ALA A 77 15.66 -9.84 10.54
N ARG A 78 15.58 -8.53 10.36
CA ARG A 78 16.53 -7.82 9.51
C ARG A 78 17.94 -8.03 10.04
N TYR A 79 18.09 -7.92 11.36
CA TYR A 79 19.41 -8.11 11.94
C TYR A 79 19.98 -9.45 11.53
N TRP A 80 19.20 -10.52 11.71
CA TRP A 80 19.73 -11.85 11.39
C TRP A 80 19.93 -12.08 9.89
N ARG A 81 19.05 -11.52 9.08
CA ARG A 81 19.23 -11.65 7.64
C ARG A 81 20.50 -10.94 7.20
N GLU A 82 20.79 -9.79 7.79
CA GLU A 82 22.01 -9.07 7.44
C GLU A 82 23.25 -9.74 8.01
N ALA A 83 23.12 -10.27 9.24
CA ALA A 83 24.23 -10.94 9.88
C ALA A 83 24.67 -12.14 9.08
N PHE A 84 23.71 -12.84 8.47
CA PHE A 84 24.05 -14.00 7.65
C PHE A 84 24.98 -13.67 6.48
N ARG A 85 24.66 -12.58 5.79
CA ARG A 85 25.33 -12.22 4.55
C ARG A 85 26.41 -11.16 4.70
N LEU A 86 26.47 -10.53 5.87
CA LEU A 86 27.36 -9.38 6.07
C LEU A 86 28.81 -9.70 5.68
N PRO A 87 29.37 -10.83 6.15
CA PRO A 87 30.76 -11.18 5.80
C PRO A 87 31.09 -11.21 4.31
N ALA A 88 30.09 -11.38 3.45
CA ALA A 88 30.34 -11.51 2.02
C ALA A 88 30.12 -10.21 1.26
N MET A 89 29.59 -9.20 1.94
CA MET A 89 29.36 -7.90 1.33
C MET A 89 30.67 -7.15 1.11
N ASP A 90 30.60 -6.08 0.33
CA ASP A 90 31.77 -5.23 0.08
C ASP A 90 31.95 -4.29 1.26
N HIS A 91 32.80 -4.70 2.20
CA HIS A 91 33.02 -3.95 3.43
C HIS A 91 33.65 -2.58 3.21
N GLY A 92 34.52 -2.45 2.23
CA GLY A 92 35.11 -1.17 1.90
C GLY A 92 34.05 -0.16 1.55
N ARG A 93 33.17 -0.56 0.64
CA ARG A 93 32.07 0.28 0.19
C ARG A 93 31.21 0.69 1.38
N LEU A 94 30.85 -0.30 2.19
CA LEU A 94 30.04 -0.06 3.37
C LEU A 94 30.76 0.92 4.31
N GLY A 95 32.06 0.74 4.46
CA GLY A 95 32.87 1.61 5.29
C GLY A 95 32.95 3.03 4.74
N GLU A 96 32.91 3.13 3.41
CA GLU A 96 33.00 4.42 2.73
C GLU A 96 31.66 5.14 2.72
N GLN A 97 30.56 4.40 2.64
CA GLN A 97 29.27 5.02 2.33
C GLN A 97 28.42 5.24 3.57
N LEU A 98 28.62 4.46 4.62
CA LEU A 98 27.90 4.70 5.88
C LEU A 98 28.63 5.78 6.68
N ASP A 99 27.88 6.52 7.49
CA ASP A 99 28.44 7.55 8.36
C ASP A 99 28.13 7.27 9.84
N VAL A 100 28.95 7.86 10.71
CA VAL A 100 28.70 7.82 12.15
C VAL A 100 28.61 9.25 12.70
N ILE A 101 27.49 9.57 13.33
CA ILE A 101 27.32 10.89 13.92
C ILE A 101 28.28 11.11 15.08
N ASP A 102 28.99 12.23 15.02
CA ASP A 102 29.89 12.66 16.09
C ASP A 102 30.98 11.62 16.31
N ILE A 103 31.46 11.00 15.23
CA ILE A 103 32.56 10.07 15.35
C ILE A 103 33.84 10.72 15.86
N ASP A 104 33.93 12.03 15.66
CA ASP A 104 35.10 12.80 16.07
C ASP A 104 35.31 12.71 17.57
N HIS A 105 34.24 12.45 18.30
CA HIS A 105 34.37 12.15 19.72
C HIS A 105 35.38 11.04 19.93
N LEU A 106 35.19 9.94 19.22
CA LEU A 106 36.06 8.78 19.37
C LEU A 106 37.47 9.12 18.87
N TRP A 107 37.57 9.67 17.66
CA TRP A 107 38.86 9.95 17.02
C TRP A 107 39.77 10.79 17.88
N SER A 108 39.20 11.77 18.57
CA SER A 108 40.01 12.69 19.34
C SER A 108 40.52 11.93 20.56
N ALA A 109 39.74 10.96 21.01
CA ALA A 109 40.18 10.10 22.11
C ALA A 109 41.36 9.25 21.64
N LEU A 110 41.36 8.85 20.37
CA LEU A 110 42.45 8.01 19.89
C LEU A 110 43.69 8.86 19.60
N ASP A 111 43.46 10.11 19.19
CA ASP A 111 44.55 11.06 19.00
C ASP A 111 45.23 11.46 20.31
N ALA A 112 44.47 11.48 21.40
CA ALA A 112 45.00 11.84 22.72
C ALA A 112 45.69 10.68 23.41
N GLY A 113 45.75 9.54 22.74
CA GLY A 113 46.47 8.38 23.24
C GLY A 113 45.81 7.65 24.39
N ARG A 114 44.53 7.95 24.67
CA ARG A 114 43.88 7.44 25.88
C ARG A 114 43.24 6.06 25.72
N GLY A 115 43.06 5.62 24.47
CA GLY A 115 42.24 4.45 24.21
C GLY A 115 40.78 4.80 24.44
N ALA A 116 39.86 3.87 24.17
CA ALA A 116 38.43 4.17 24.32
C ALA A 116 37.57 2.92 24.53
N VAL A 117 36.55 3.06 25.37
CA VAL A 117 35.54 2.02 25.55
C VAL A 117 34.22 2.42 24.90
N LEU A 118 33.80 1.65 23.89
CA LEU A 118 32.49 1.87 23.27
C LEU A 118 31.43 0.93 23.82
N ALA A 119 30.49 1.48 24.59
CA ALA A 119 29.45 0.69 25.21
C ALA A 119 28.10 0.98 24.55
N LEU A 120 27.42 -0.08 24.09
CA LEU A 120 26.18 0.05 23.35
C LEU A 120 25.20 -1.07 23.67
N PRO A 121 23.90 -0.81 23.45
CA PRO A 121 22.88 -1.84 23.67
C PRO A 121 22.67 -2.70 22.42
N HIS A 122 21.89 -3.76 22.53
CA HIS A 122 21.61 -4.62 21.38
C HIS A 122 20.55 -4.00 20.47
N SER A 123 20.95 -2.94 19.77
CA SER A 123 20.05 -2.24 18.86
C SER A 123 20.67 -2.13 17.47
N GLY A 124 19.83 -2.13 16.44
CA GLY A 124 20.30 -2.02 15.07
C GLY A 124 21.19 -3.17 14.66
N ASN A 125 22.25 -2.88 13.93
CA ASN A 125 23.27 -3.87 13.59
C ASN A 125 24.66 -3.49 14.10
N TRP A 126 25.00 -3.96 15.29
CA TRP A 126 26.28 -3.64 15.91
C TRP A 126 27.45 -4.27 15.16
N ASP A 127 27.20 -5.39 14.49
CA ASP A 127 28.23 -6.02 13.67
C ASP A 127 28.60 -5.10 12.51
N MET A 128 27.60 -4.37 12.00
CA MET A 128 27.81 -3.43 10.91
C MET A 128 28.65 -2.26 11.41
N ALA A 129 28.36 -1.83 12.63
CA ALA A 129 29.16 -0.78 13.26
C ALA A 129 30.58 -1.26 13.41
N GLY A 130 30.72 -2.52 13.80
CA GLY A 130 32.02 -3.13 13.92
C GLY A 130 32.77 -3.11 12.61
N VAL A 131 32.08 -3.47 11.53
CA VAL A 131 32.67 -3.39 10.19
C VAL A 131 33.10 -1.95 9.85
N TRP A 132 32.25 -0.99 10.20
CA TRP A 132 32.55 0.41 9.90
C TRP A 132 33.81 0.80 10.64
N LEU A 133 33.93 0.37 11.88
CA LEU A 133 35.09 0.71 12.68
C LEU A 133 36.33 -0.01 12.15
N VAL A 134 36.19 -1.28 11.78
CA VAL A 134 37.32 -2.02 11.20
C VAL A 134 37.82 -1.29 9.97
N GLN A 135 36.90 -0.74 9.19
CA GLN A 135 37.27 -0.12 7.92
C GLN A 135 37.80 1.31 8.13
N ASN A 136 37.25 2.01 9.11
CA ASN A 136 37.59 3.40 9.33
C ASN A 136 38.72 3.61 10.34
N TYR A 137 38.92 2.63 11.20
CA TYR A 137 40.02 2.68 12.17
C TYR A 137 40.95 1.48 12.03
N GLY A 138 40.37 0.30 12.24
CA GLY A 138 41.13 -0.94 12.19
C GLY A 138 40.49 -1.97 13.11
N PRO A 139 41.10 -3.17 13.19
CA PRO A 139 40.58 -4.20 14.09
C PRO A 139 40.46 -3.72 15.52
N PHE A 140 39.46 -4.22 16.24
CA PHE A 140 39.26 -3.89 17.64
C PHE A 140 38.94 -5.17 18.40
N THR A 141 38.87 -5.07 19.72
CA THR A 141 38.61 -6.24 20.54
C THR A 141 37.25 -6.14 21.22
N THR A 142 36.61 -7.29 21.34
CA THR A 142 35.33 -7.41 22.02
C THR A 142 35.30 -8.76 22.74
N VAL A 143 34.19 -9.05 23.41
CA VAL A 143 34.03 -10.32 24.09
C VAL A 143 32.70 -10.96 23.75
N ALA A 144 32.66 -12.29 23.82
CA ALA A 144 31.43 -13.00 23.55
C ALA A 144 31.19 -14.14 24.53
N GLU A 145 29.93 -14.28 24.93
CA GLU A 145 29.45 -15.41 25.70
C GLU A 145 29.77 -16.72 25.00
N ARG A 146 30.23 -17.70 25.75
CA ARG A 146 30.57 -19.01 25.17
C ARG A 146 29.32 -19.88 25.09
N LEU A 147 28.58 -19.71 24.00
CA LEU A 147 27.29 -20.38 23.81
C LEU A 147 27.47 -21.89 23.80
N LYS A 148 26.36 -22.62 23.86
CA LYS A 148 26.40 -24.06 23.72
C LYS A 148 25.57 -24.44 22.50
N PRO A 149 26.04 -25.41 21.71
CA PRO A 149 27.30 -26.13 21.88
C PRO A 149 28.53 -25.32 21.50
N GLU A 150 29.70 -25.83 21.89
CA GLU A 150 30.99 -25.20 21.61
C GLU A 150 31.22 -25.01 20.11
N SER A 151 30.66 -25.90 19.31
CA SER A 151 30.77 -25.84 17.85
C SER A 151 30.08 -24.60 17.31
N LEU A 152 28.98 -24.24 17.96
CA LEU A 152 28.26 -23.03 17.60
C LEU A 152 29.07 -21.82 18.03
N TYR A 153 29.70 -21.92 19.20
CA TYR A 153 30.56 -20.84 19.66
C TYR A 153 31.66 -20.64 18.61
N ARG A 154 32.21 -21.75 18.12
CA ARG A 154 33.28 -21.67 17.13
C ARG A 154 32.72 -21.02 15.87
N ARG A 155 31.51 -21.40 15.48
CA ARG A 155 30.84 -20.75 14.36
C ARG A 155 30.78 -19.23 14.50
N PHE A 156 30.33 -18.76 15.67
CA PHE A 156 30.23 -17.32 15.92
C PHE A 156 31.59 -16.60 15.94
N VAL A 157 32.57 -17.23 16.58
CA VAL A 157 33.91 -16.66 16.61
C VAL A 157 34.41 -16.52 15.19
N GLU A 158 34.23 -17.58 14.39
CA GLU A 158 34.68 -17.56 13.01
C GLU A 158 33.97 -16.44 12.26
N TYR A 159 32.66 -16.32 12.51
CA TYR A 159 31.85 -15.27 11.91
C TYR A 159 32.41 -13.87 12.20
N ARG A 160 32.56 -13.50 13.47
CA ARG A 160 33.03 -12.14 13.77
C ARG A 160 34.48 -11.94 13.38
N GLU A 161 35.29 -12.99 13.50
CA GLU A 161 36.67 -12.90 13.07
C GLU A 161 36.72 -12.68 11.56
N SER A 162 35.74 -13.21 10.84
CA SER A 162 35.69 -12.99 9.39
C SER A 162 35.25 -11.55 9.06
N LEU A 163 34.76 -10.82 10.05
CA LEU A 163 34.45 -9.39 9.89
C LEU A 163 35.67 -8.54 10.27
N GLY A 164 36.67 -9.17 10.88
CA GLY A 164 37.90 -8.47 11.22
C GLY A 164 38.05 -8.08 12.67
N PHE A 165 37.20 -8.61 13.54
CA PHE A 165 37.28 -8.29 14.97
C PHE A 165 38.19 -9.31 15.64
N GLU A 166 38.80 -8.89 16.75
CA GLU A 166 39.43 -9.82 17.68
C GLU A 166 38.40 -10.12 18.75
N VAL A 167 38.06 -11.40 18.88
CA VAL A 167 37.06 -11.86 19.84
C VAL A 167 37.64 -12.72 20.95
N LEU A 168 37.49 -12.26 22.18
CA LEU A 168 37.94 -12.99 23.36
C LEU A 168 36.82 -13.86 23.96
N PRO A 169 37.13 -15.11 24.34
CA PRO A 169 36.14 -15.86 25.09
C PRO A 169 35.96 -15.30 26.50
N LEU A 170 34.72 -15.14 26.97
CA LEU A 170 34.48 -14.63 28.32
C LEU A 170 34.98 -15.60 29.38
N THR A 171 35.04 -16.89 29.02
CA THR A 171 35.49 -17.95 29.91
C THR A 171 36.23 -19.02 29.11
N GLY A 172 37.30 -19.58 29.67
CA GLY A 172 37.93 -20.72 29.03
C GLY A 172 39.07 -20.36 28.09
N GLY A 173 39.41 -19.08 28.03
CA GLY A 173 40.49 -18.65 27.16
C GLY A 173 41.80 -18.87 27.87
N GLU A 174 42.91 -18.56 27.21
CA GLU A 174 44.22 -18.77 27.80
C GLU A 174 44.39 -17.88 29.03
N ARG A 175 44.05 -16.61 28.87
CA ARG A 175 44.20 -15.63 29.96
C ARG A 175 42.85 -14.97 30.29
N PRO A 176 42.72 -14.33 31.47
CA PRO A 176 41.48 -13.58 31.76
C PRO A 176 41.23 -12.38 30.83
N PRO A 177 40.01 -12.26 30.27
CA PRO A 177 39.64 -11.25 29.27
C PRO A 177 39.90 -9.79 29.65
N PHE A 178 39.69 -9.42 30.90
CA PHE A 178 39.77 -8.01 31.28
C PHE A 178 41.22 -7.60 31.49
N GLU A 179 42.13 -8.55 31.32
CA GLU A 179 43.54 -8.21 31.19
C GLU A 179 43.92 -7.92 29.76
N VAL A 180 43.39 -8.69 28.82
CA VAL A 180 43.70 -8.42 27.43
C VAL A 180 43.05 -7.09 27.10
N LEU A 181 41.78 -6.93 27.50
CA LEU A 181 41.07 -5.67 27.24
C LEU A 181 41.79 -4.49 27.87
N ALA A 182 42.16 -4.60 29.15
CA ALA A 182 42.88 -3.50 29.77
C ALA A 182 44.16 -3.21 29.00
N GLU A 183 44.83 -4.27 28.55
CA GLU A 183 46.04 -4.08 27.75
C GLU A 183 45.75 -3.42 26.40
N ARG A 184 44.62 -3.76 25.78
CA ARG A 184 44.24 -3.10 24.53
C ARG A 184 44.02 -1.62 24.78
N LEU A 185 43.31 -1.29 25.86
CA LEU A 185 43.03 0.11 26.18
C LEU A 185 44.31 0.88 26.51
N THR A 186 45.25 0.25 27.20
CA THR A 186 46.49 0.94 27.57
C THR A 186 47.41 1.12 26.36
N ASP A 187 47.12 0.41 25.27
CA ASP A 187 47.85 0.57 24.01
C ASP A 187 47.15 1.56 23.08
N ASN A 188 46.23 2.35 23.65
CA ASN A 188 45.47 3.35 22.92
C ASN A 188 44.61 2.78 21.79
N ARG A 189 43.90 1.70 22.07
CA ARG A 189 43.01 1.11 21.08
C ARG A 189 41.58 1.14 21.60
N PRO A 190 40.61 1.14 20.68
CA PRO A 190 39.21 1.03 21.09
C PRO A 190 38.79 -0.42 21.32
N ILE A 191 37.90 -0.61 22.27
CA ILE A 191 37.21 -1.87 22.45
C ILE A 191 35.71 -1.63 22.44
N CYS A 192 34.96 -2.63 22.03
CA CYS A 192 33.50 -2.55 22.02
C CYS A 192 32.90 -3.63 22.90
N LEU A 193 31.93 -3.23 23.72
CA LEU A 193 31.26 -4.13 24.65
C LEU A 193 29.75 -3.95 24.56
N MET A 194 29.02 -5.03 24.40
CA MET A 194 27.57 -5.00 24.56
C MET A 194 27.28 -4.87 26.05
N ALA A 195 26.57 -3.80 26.43
CA ALA A 195 26.67 -3.30 27.80
C ALA A 195 25.36 -3.01 28.53
N GLU A 196 24.21 -3.43 28.00
CA GLU A 196 22.95 -3.16 28.71
C GLU A 196 22.34 -4.40 29.37
N ARG A 197 23.03 -5.53 29.30
CA ARG A 197 22.50 -6.78 29.86
C ARG A 197 23.56 -7.68 30.46
N ASP A 198 23.39 -8.00 31.74
CA ASP A 198 24.29 -8.94 32.41
C ASP A 198 23.67 -9.38 33.73
N LEU A 199 22.79 -10.39 33.69
CA LEU A 199 22.03 -10.80 34.87
C LEU A 199 22.74 -11.92 35.62
N THR A 200 23.98 -11.67 36.01
CA THR A 200 24.73 -12.59 36.85
C THR A 200 25.11 -11.90 38.15
N ARG A 201 25.69 -12.66 39.07
CA ARG A 201 26.03 -12.14 40.39
C ARG A 201 26.91 -10.91 40.29
N SER A 202 27.77 -10.87 39.27
CA SER A 202 28.74 -9.80 39.14
C SER A 202 28.19 -8.60 38.36
N GLY A 203 27.02 -8.77 37.77
CA GLY A 203 26.36 -7.66 37.08
C GLY A 203 26.00 -6.54 38.04
N VAL A 204 26.01 -5.30 37.53
CA VAL A 204 25.71 -4.13 38.35
C VAL A 204 24.22 -3.87 38.38
N GLN A 205 23.64 -3.73 39.57
CA GLN A 205 22.22 -3.39 39.66
C GLN A 205 22.02 -1.93 39.27
N VAL A 206 21.20 -1.69 38.26
CA VAL A 206 20.86 -0.33 37.83
C VAL A 206 19.38 -0.17 37.54
N ASP A 207 18.89 1.07 37.64
CA ASP A 207 17.56 1.41 37.17
C ASP A 207 17.55 1.63 35.66
N PHE A 208 16.56 1.08 34.99
CA PHE A 208 16.47 1.12 33.53
C PHE A 208 15.00 1.19 33.14
N PHE A 209 14.59 2.33 32.59
CA PHE A 209 13.16 2.59 32.35
C PHE A 209 12.34 2.38 33.63
N GLY A 210 12.90 2.84 34.74
CA GLY A 210 12.17 2.88 36.01
C GLY A 210 12.11 1.61 36.82
N GLU A 211 12.81 0.56 36.40
CA GLU A 211 12.80 -0.71 37.12
C GLU A 211 14.19 -1.34 37.14
N ALA A 212 14.42 -2.18 38.14
CA ALA A 212 15.74 -2.73 38.43
C ALA A 212 16.15 -3.79 37.40
N THR A 213 17.34 -3.62 36.84
CA THR A 213 17.95 -4.62 35.97
C THR A 213 19.41 -4.73 36.37
N ARG A 214 20.15 -5.62 35.71
CA ARG A 214 21.59 -5.70 35.91
C ARG A 214 22.36 -5.53 34.60
N MET A 215 23.38 -4.69 34.65
CA MET A 215 24.26 -4.44 33.51
C MET A 215 25.71 -4.77 33.84
N PRO A 216 26.50 -5.14 32.81
CA PRO A 216 27.89 -5.55 33.06
C PRO A 216 28.73 -4.39 33.59
N ALA A 217 29.70 -4.71 34.43
CA ALA A 217 30.53 -3.71 35.08
C ALA A 217 31.71 -3.31 34.19
N GLY A 218 31.95 -4.09 33.15
CA GLY A 218 33.12 -3.91 32.31
C GLY A 218 33.41 -2.51 31.80
N PRO A 219 32.43 -1.86 31.16
CA PRO A 219 32.80 -0.52 30.66
C PRO A 219 33.34 0.41 31.73
N ALA A 220 32.67 0.45 32.88
CA ALA A 220 33.13 1.29 33.98
C ALA A 220 34.43 0.78 34.59
N LYS A 221 34.52 -0.52 34.88
CA LYS A 221 35.75 -1.06 35.46
C LYS A 221 36.96 -0.78 34.57
N LEU A 222 36.82 -1.05 33.28
CA LEU A 222 37.90 -0.85 32.33
C LEU A 222 38.24 0.64 32.22
N ALA A 223 37.22 1.48 32.19
CA ALA A 223 37.46 2.93 32.08
C ALA A 223 38.18 3.46 33.32
N ILE A 224 37.72 3.04 34.50
CA ILE A 224 38.36 3.42 35.76
C ILE A 224 39.80 2.91 35.83
N GLU A 225 40.01 1.65 35.47
CA GLU A 225 41.33 1.05 35.59
C GLU A 225 42.31 1.65 34.60
N THR A 226 41.85 2.01 33.40
CA THR A 226 42.79 2.44 32.36
C THR A 226 42.76 3.94 32.09
N GLY A 227 41.70 4.63 32.49
CA GLY A 227 41.55 6.04 32.16
C GLY A 227 41.00 6.25 30.76
N ALA A 228 40.74 5.16 30.06
CA ALA A 228 40.17 5.20 28.72
C ALA A 228 38.83 5.93 28.71
N ALA A 229 38.58 6.68 27.64
CA ALA A 229 37.31 7.37 27.48
C ALA A 229 36.18 6.36 27.32
N LEU A 230 35.09 6.61 28.04
CA LEU A 230 33.91 5.77 27.99
C LEU A 230 32.80 6.43 27.17
N PHE A 231 32.72 6.08 25.89
CA PHE A 231 31.73 6.66 25.00
C PHE A 231 30.51 5.76 24.92
N PRO A 232 29.31 6.30 25.26
CA PRO A 232 28.13 5.52 24.89
C PRO A 232 27.97 5.50 23.38
N VAL A 233 27.43 4.41 22.86
CA VAL A 233 27.16 4.30 21.43
C VAL A 233 25.74 3.79 21.20
N HIS A 234 25.15 4.19 20.08
CA HIS A 234 23.88 3.64 19.65
C HIS A 234 23.92 3.30 18.17
N CYS A 235 23.34 2.15 17.84
CA CYS A 235 23.10 1.78 16.45
C CYS A 235 21.61 1.56 16.27
N TRP A 236 21.10 1.94 15.11
CA TRP A 236 19.70 1.72 14.82
C TRP A 236 19.57 1.55 13.33
N PHE A 237 18.37 1.18 12.87
CA PHE A 237 18.13 1.03 11.44
C PHE A 237 17.49 2.30 10.89
N GLU A 238 18.18 2.88 9.90
CA GLU A 238 17.77 4.15 9.31
C GLU A 238 17.34 3.88 7.88
N GLY A 239 16.04 3.65 7.69
CA GLY A 239 15.51 3.24 6.40
C GLY A 239 16.16 1.95 5.94
N ASP A 240 16.59 1.91 4.69
CA ASP A 240 17.28 0.73 4.18
C ASP A 240 18.76 0.77 4.55
N GLY A 241 19.16 1.77 5.33
CA GLY A 241 20.54 1.93 5.74
C GLY A 241 20.68 1.72 7.24
N TRP A 242 21.77 2.26 7.79
CA TRP A 242 22.13 2.06 9.18
C TRP A 242 22.48 3.37 9.85
N GLY A 243 21.88 3.62 11.01
CA GLY A 243 22.17 4.82 11.77
C GLY A 243 23.06 4.48 12.94
N MET A 244 24.10 5.27 13.15
CA MET A 244 25.04 5.04 14.23
C MET A 244 25.46 6.38 14.82
N ARG A 245 25.72 6.43 16.12
CA ARG A 245 26.13 7.67 16.73
C ARG A 245 27.00 7.41 17.97
N VAL A 246 28.02 8.26 18.14
CA VAL A 246 28.83 8.27 19.35
C VAL A 246 28.44 9.44 20.21
N TYR A 247 28.18 9.17 21.49
CA TYR A 247 27.73 10.20 22.43
C TYR A 247 28.91 10.67 23.28
N PRO A 248 28.80 11.87 23.89
CA PRO A 248 29.86 12.41 24.75
C PRO A 248 30.29 11.42 25.83
N GLU A 249 31.58 11.35 26.12
CA GLU A 249 32.06 10.36 27.07
C GLU A 249 31.49 10.58 28.46
N LEU A 250 31.35 9.49 29.22
CA LEU A 250 30.84 9.56 30.58
C LEU A 250 31.93 10.00 31.54
N ASP A 251 31.59 10.83 32.52
CA ASP A 251 32.55 11.21 33.55
C ASP A 251 32.89 9.99 34.42
N THR A 252 34.17 9.67 34.54
CA THR A 252 34.59 8.54 35.39
C THR A 252 35.28 9.01 36.66
N SER A 253 35.22 10.32 36.92
CA SER A 253 35.93 10.92 38.05
C SER A 253 35.50 10.35 39.40
N SER A 254 34.27 9.83 39.46
CA SER A 254 33.75 9.27 40.70
C SER A 254 34.42 7.95 41.05
N GLY A 255 34.97 7.29 40.06
CA GLY A 255 35.54 5.96 40.26
C GLY A 255 34.54 4.94 40.78
N ASP A 256 33.25 5.21 40.59
CA ASP A 256 32.20 4.37 41.15
C ASP A 256 31.42 3.73 40.01
N VAL A 257 31.58 2.41 39.90
CA VAL A 257 30.96 1.62 38.84
C VAL A 257 29.44 1.77 38.75
N THR A 258 28.77 1.86 39.90
CA THR A 258 27.30 1.88 39.89
C THR A 258 26.67 3.18 39.38
N ALA A 259 27.22 4.32 39.76
CA ALA A 259 26.74 5.62 39.26
C ALA A 259 26.98 5.77 37.77
N ILE A 260 28.19 5.38 37.37
CA ILE A 260 28.62 5.50 35.99
C ILE A 260 27.80 4.54 35.12
N THR A 261 27.60 3.33 35.63
CA THR A 261 26.81 2.36 34.89
C THR A 261 25.38 2.86 34.84
N GLN A 262 24.97 3.59 35.88
CA GLN A 262 23.63 4.18 35.86
C GLN A 262 23.50 5.28 34.80
N ALA A 263 24.50 6.15 34.67
CA ALA A 263 24.48 7.18 33.62
C ALA A 263 24.45 6.54 32.23
N LEU A 264 25.27 5.50 32.08
CA LEU A 264 25.34 4.77 30.83
C LEU A 264 23.97 4.19 30.53
N ALA A 265 23.39 3.54 31.54
CA ALA A 265 22.06 2.98 31.43
C ALA A 265 21.03 4.03 31.03
N ASP A 266 21.12 5.21 31.65
CA ASP A 266 20.19 6.30 31.36
C ASP A 266 20.28 6.70 29.89
N ARG A 267 21.50 6.73 29.38
CA ARG A 267 21.68 7.10 27.98
C ARG A 267 21.13 5.99 27.09
N PHE A 268 21.41 4.75 27.46
CA PHE A 268 20.88 3.62 26.72
C PHE A 268 19.36 3.72 26.70
N ALA A 269 18.76 4.07 27.84
CA ALA A 269 17.31 4.17 27.93
C ALA A 269 16.79 5.26 27.00
N ALA A 270 17.50 6.39 26.94
CA ALA A 270 17.08 7.50 26.08
C ALA A 270 17.19 7.13 24.60
N ASN A 271 18.25 6.41 24.27
CA ASN A 271 18.48 6.09 22.88
C ASN A 271 17.50 5.01 22.43
N ILE A 272 17.27 4.04 23.31
CA ILE A 272 16.29 3.01 23.01
C ILE A 272 14.92 3.65 22.95
N ALA A 273 14.68 4.65 23.81
CA ALA A 273 13.41 5.35 23.78
C ALA A 273 13.23 6.04 22.45
N THR A 274 14.34 6.47 21.84
CA THR A 274 14.27 7.13 20.53
C THR A 274 13.94 6.17 19.39
N TYR A 275 14.48 4.95 19.45
CA TYR A 275 14.27 3.94 18.40
C TYR A 275 13.86 2.60 18.99
N PRO A 276 12.66 2.54 19.59
CA PRO A 276 12.24 1.33 20.29
C PRO A 276 12.16 0.09 19.41
N ALA A 277 11.81 0.25 18.13
CA ALA A 277 11.67 -0.91 17.27
C ALA A 277 13.02 -1.53 16.93
N ASP A 278 14.11 -0.78 17.12
CA ASP A 278 15.41 -1.28 16.68
C ASP A 278 16.18 -1.98 17.79
N TRP A 279 15.68 -1.90 19.02
CA TRP A 279 16.26 -2.61 20.16
C TRP A 279 15.69 -4.01 20.29
N HIS A 280 16.30 -4.98 19.61
CA HIS A 280 15.82 -6.36 19.70
C HIS A 280 16.35 -7.07 20.95
N MET A 281 15.68 -6.84 22.07
CA MET A 281 15.89 -7.58 23.30
C MET A 281 14.70 -8.51 23.44
N LEU A 282 14.84 -9.75 22.96
CA LEU A 282 13.79 -10.75 23.05
C LEU A 282 13.94 -11.62 24.28
N GLN A 283 15.09 -11.52 24.94
CA GLN A 283 15.32 -12.22 26.19
C GLN A 283 14.88 -11.36 27.36
N PRO A 284 14.61 -11.97 28.52
CA PRO A 284 14.30 -11.20 29.74
C PRO A 284 15.40 -10.20 30.08
N GLN A 285 14.99 -9.01 30.50
CA GLN A 285 15.93 -7.93 30.81
C GLN A 285 15.82 -7.46 32.26
N TRP A 286 14.62 -7.13 32.68
CA TRP A 286 14.40 -6.64 34.04
C TRP A 286 14.28 -7.74 35.10
N ILE A 287 14.76 -7.42 36.31
CA ILE A 287 14.87 -8.40 37.38
C ILE A 287 13.51 -8.99 37.76
N ALA A 288 12.50 -8.13 37.76
CA ALA A 288 11.15 -8.53 38.15
C ALA A 288 10.53 -9.63 37.30
N ASP A 289 11.02 -9.84 36.08
CA ASP A 289 10.41 -10.84 35.21
C ASP A 289 11.09 -12.20 35.37
N LEU A 290 12.12 -12.25 36.21
CA LEU A 290 12.80 -13.49 36.51
C LEU A 290 12.00 -14.33 37.50
N SER A 291 12.10 -15.65 37.38
CA SER A 291 11.55 -16.55 38.39
C SER A 291 12.39 -16.46 39.66
N ASP A 292 11.80 -16.85 40.78
CA ASP A 292 12.48 -16.78 42.08
C ASP A 292 13.79 -17.55 42.08
N GLU A 293 13.86 -18.59 41.26
CA GLU A 293 15.05 -19.43 41.16
C GLU A 293 16.16 -18.71 40.40
N ARG A 294 15.76 -17.96 39.36
CA ARG A 294 16.71 -17.18 38.59
C ARG A 294 17.10 -15.93 39.36
N ARG A 295 16.17 -15.40 40.15
CA ARG A 295 16.44 -14.22 40.95
C ARG A 295 17.47 -14.55 42.02
N ALA A 296 17.51 -15.81 42.40
CA ALA A 296 18.46 -16.31 43.38
C ALA A 296 19.90 -16.38 42.84
N ARG A 297 20.07 -17.02 41.67
CA ARG A 297 21.39 -17.25 41.12
C ARG A 297 22.21 -15.96 41.00
N LEU A 298 21.56 -14.86 40.63
CA LEU A 298 22.24 -13.56 40.59
C LEU A 298 22.30 -12.95 41.99
N PRO B 46 8.12 -5.86 5.07
CA PRO B 46 7.01 -6.20 5.97
C PRO B 46 5.65 -5.81 5.41
N GLU B 47 5.58 -4.67 4.73
CA GLU B 47 4.33 -4.17 4.17
C GLU B 47 3.93 -5.10 3.02
N GLN B 48 4.96 -5.52 2.30
CA GLN B 48 4.80 -6.45 1.20
C GLN B 48 4.39 -7.81 1.74
N LEU B 49 4.93 -8.17 2.91
CA LEU B 49 4.53 -9.42 3.53
C LEU B 49 3.04 -9.43 3.88
N ARG B 50 2.56 -8.33 4.47
CA ARG B 50 1.15 -8.21 4.80
C ARG B 50 0.32 -8.25 3.53
N ARG B 51 0.83 -7.60 2.48
CA ARG B 51 0.07 -7.54 1.23
C ARG B 51 0.02 -8.91 0.57
N ASN B 52 1.08 -9.70 0.73
CA ASN B 52 1.07 -11.05 0.18
C ASN B 52 0.15 -11.98 0.99
N LEU B 53 0.25 -11.84 2.30
CA LEU B 53 -0.60 -12.60 3.21
C LEU B 53 -2.05 -12.24 2.97
N ALA B 54 -2.30 -11.01 2.51
CA ALA B 54 -3.66 -10.60 2.22
C ALA B 54 -4.24 -11.53 1.16
N ARG B 55 -3.42 -11.91 0.17
CA ARG B 55 -3.85 -12.86 -0.85
C ARG B 55 -4.00 -14.22 -0.20
N VAL B 56 -3.03 -14.55 0.65
CA VAL B 56 -3.00 -15.87 1.26
C VAL B 56 -4.26 -16.15 2.09
N VAL B 57 -4.74 -15.16 2.84
CA VAL B 57 -5.88 -15.40 3.74
C VAL B 57 -7.19 -14.90 3.11
N GLY B 58 -7.10 -14.24 1.96
CA GLY B 58 -8.29 -13.81 1.26
C GLY B 58 -8.96 -12.67 1.98
N LYS B 59 -8.17 -11.67 2.37
CA LYS B 59 -8.69 -10.52 3.08
C LYS B 59 -7.99 -9.27 2.55
N PRO B 60 -8.62 -8.10 2.71
CA PRO B 60 -7.88 -6.90 2.32
C PRO B 60 -6.65 -6.74 3.20
N PRO B 61 -5.56 -6.16 2.67
CA PRO B 61 -4.30 -6.03 3.41
C PRO B 61 -4.50 -5.48 4.82
N ALA B 62 -5.42 -4.54 4.95
CA ALA B 62 -5.67 -3.89 6.23
C ALA B 62 -6.25 -4.84 7.27
N ASP B 63 -6.89 -5.92 6.80
CA ASP B 63 -7.59 -6.83 7.70
C ASP B 63 -6.81 -8.10 8.01
N VAL B 64 -5.60 -8.22 7.46
CA VAL B 64 -4.76 -9.39 7.73
C VAL B 64 -4.45 -9.48 9.22
N PRO B 65 -4.72 -10.65 9.85
CA PRO B 65 -4.56 -10.73 11.31
C PRO B 65 -3.16 -10.35 11.79
N ASP B 66 -3.12 -9.54 12.84
CA ASP B 66 -1.86 -9.08 13.44
C ASP B 66 -0.95 -10.23 13.86
N ASP B 67 -1.55 -11.24 14.48
CA ASP B 67 -0.87 -12.42 14.98
C ASP B 67 -0.16 -13.18 13.86
N LEU B 68 -0.79 -13.22 12.69
CA LEU B 68 -0.20 -13.88 11.54
C LEU B 68 1.06 -13.14 11.08
N ILE B 69 0.96 -11.81 10.98
CA ILE B 69 2.11 -11.01 10.59
C ILE B 69 3.25 -11.21 11.59
N ARG B 70 2.89 -11.25 12.87
CA ARG B 70 3.90 -11.47 13.91
C ARG B 70 4.56 -12.83 13.74
N ALA B 71 3.75 -13.88 13.60
CA ALA B 71 4.29 -15.22 13.49
C ALA B 71 5.14 -15.37 12.23
N SER B 72 4.73 -14.70 11.15
CA SER B 72 5.48 -14.79 9.91
C SER B 72 6.84 -14.09 10.03
N LEU B 73 6.86 -12.94 10.70
CA LEU B 73 8.12 -12.25 10.91
C LEU B 73 9.04 -13.05 11.84
N ALA B 74 8.45 -13.66 12.86
CA ALA B 74 9.23 -14.48 13.77
C ALA B 74 9.80 -15.70 13.07
N SER B 75 9.00 -16.30 12.18
CA SER B 75 9.46 -17.48 11.44
C SER B 75 10.58 -17.12 10.47
N TYR B 76 10.43 -15.98 9.80
CA TYR B 76 11.46 -15.48 8.89
C TYR B 76 12.77 -15.25 9.66
N ALA B 77 12.65 -14.63 10.84
CA ALA B 77 13.83 -14.41 11.67
C ALA B 77 14.40 -15.78 12.05
N ARG B 78 13.52 -16.73 12.37
CA ARG B 78 13.98 -18.07 12.73
C ARG B 78 14.77 -18.66 11.58
N TYR B 79 14.26 -18.48 10.36
CA TYR B 79 14.94 -18.98 9.18
C TYR B 79 16.36 -18.46 9.13
N TRP B 80 16.53 -17.14 9.25
CA TRP B 80 17.90 -16.63 9.13
C TRP B 80 18.82 -17.00 10.29
N ARG B 81 18.29 -17.04 11.51
CA ARG B 81 19.10 -17.44 12.65
C ARG B 81 19.51 -18.91 12.49
N GLU B 82 18.63 -19.76 11.99
CA GLU B 82 18.99 -21.15 11.80
C GLU B 82 19.96 -21.30 10.63
N ALA B 83 19.76 -20.51 9.58
CA ALA B 83 20.64 -20.55 8.43
C ALA B 83 22.05 -20.17 8.86
N PHE B 84 22.14 -19.25 9.81
CA PHE B 84 23.41 -18.80 10.35
C PHE B 84 24.18 -19.98 10.97
N ARG B 85 23.48 -20.78 11.74
CA ARG B 85 24.05 -21.88 12.55
C ARG B 85 23.95 -23.30 12.03
N LEU B 86 23.17 -23.55 10.98
CA LEU B 86 22.94 -24.91 10.52
C LEU B 86 24.23 -25.72 10.24
N PRO B 87 25.20 -25.15 9.50
CA PRO B 87 26.46 -25.85 9.20
C PRO B 87 27.23 -26.40 10.40
N ALA B 88 27.02 -25.84 11.60
CA ALA B 88 27.78 -26.25 12.75
C ALA B 88 27.00 -27.27 13.58
N MET B 89 25.74 -27.48 13.22
CA MET B 89 24.90 -28.44 13.92
C MET B 89 25.32 -29.85 13.55
N ASP B 90 24.82 -30.83 14.31
CA ASP B 90 25.09 -32.23 14.05
C ASP B 90 24.15 -32.72 12.94
N HIS B 91 24.62 -32.69 11.70
CA HIS B 91 23.78 -33.06 10.57
C HIS B 91 23.35 -34.52 10.59
N GLY B 92 24.22 -35.40 11.07
CA GLY B 92 23.87 -36.81 11.20
C GLY B 92 22.67 -36.98 12.11
N ARG B 93 22.75 -36.35 13.29
CA ARG B 93 21.67 -36.41 14.26
C ARG B 93 20.39 -35.89 13.65
N LEU B 94 20.49 -34.73 12.99
CA LEU B 94 19.34 -34.12 12.34
C LEU B 94 18.75 -35.07 11.29
N GLY B 95 19.63 -35.74 10.56
CA GLY B 95 19.21 -36.69 9.55
C GLY B 95 18.54 -37.88 10.22
N GLU B 96 19.02 -38.17 11.43
CA GLU B 96 18.50 -39.31 12.21
C GLU B 96 17.19 -38.96 12.91
N GLN B 97 17.05 -37.72 13.36
CA GLN B 97 15.99 -37.37 14.31
C GLN B 97 14.79 -36.68 13.66
N LEU B 98 14.99 -36.03 12.52
CA LEU B 98 13.87 -35.43 11.79
C LEU B 98 13.17 -36.46 10.90
N ASP B 99 11.88 -36.26 10.67
CA ASP B 99 11.10 -37.12 9.80
C ASP B 99 10.50 -36.32 8.65
N VAL B 100 10.18 -37.03 7.56
CA VAL B 100 9.46 -36.45 6.42
C VAL B 100 8.17 -37.23 6.14
N ILE B 101 7.03 -36.55 6.14
CA ILE B 101 5.77 -37.23 5.86
C ILE B 101 5.74 -37.73 4.41
N ASP B 102 5.41 -39.00 4.26
CA ASP B 102 5.22 -39.65 2.96
C ASP B 102 6.48 -39.59 2.10
N ILE B 103 7.65 -39.72 2.71
CA ILE B 103 8.90 -39.77 1.95
C ILE B 103 9.02 -40.94 0.97
N ASP B 104 8.28 -42.01 1.26
CA ASP B 104 8.30 -43.22 0.43
C ASP B 104 7.87 -42.93 -1.00
N HIS B 105 7.09 -41.86 -1.15
CA HIS B 105 6.75 -41.35 -2.46
C HIS B 105 8.03 -41.16 -3.26
N LEU B 106 8.99 -40.45 -2.68
CA LEU B 106 10.24 -40.20 -3.39
C LEU B 106 11.02 -41.48 -3.63
N TRP B 107 11.21 -42.27 -2.57
CA TRP B 107 12.03 -43.48 -2.67
C TRP B 107 11.57 -44.43 -3.75
N SER B 108 10.27 -44.56 -3.90
CA SER B 108 9.73 -45.52 -4.85
C SER B 108 9.99 -44.98 -6.25
N ALA B 109 10.00 -43.66 -6.36
CA ALA B 109 10.35 -43.06 -7.64
C ALA B 109 11.80 -43.35 -7.95
N LEU B 110 12.64 -43.37 -6.92
CA LEU B 110 14.06 -43.61 -7.14
C LEU B 110 14.33 -45.10 -7.33
N ASP B 111 13.50 -45.92 -6.69
CA ASP B 111 13.54 -47.37 -6.87
C ASP B 111 13.11 -47.79 -8.27
N ALA B 112 12.21 -47.01 -8.86
CA ALA B 112 11.71 -47.26 -10.21
C ALA B 112 12.66 -46.75 -11.29
N GLY B 113 13.79 -46.19 -10.86
CA GLY B 113 14.82 -45.74 -11.76
C GLY B 113 14.50 -44.48 -12.55
N ARG B 114 13.45 -43.76 -12.14
CA ARG B 114 12.93 -42.66 -12.95
C ARG B 114 13.61 -41.31 -12.66
N GLY B 115 14.32 -41.21 -11.53
CA GLY B 115 14.78 -39.92 -11.06
C GLY B 115 13.58 -39.13 -10.55
N ALA B 116 13.82 -37.94 -10.01
CA ALA B 116 12.72 -37.15 -9.45
C ALA B 116 13.05 -35.67 -9.39
N VAL B 117 12.05 -34.83 -9.66
CA VAL B 117 12.17 -33.39 -9.47
C VAL B 117 11.35 -32.97 -8.25
N LEU B 118 12.03 -32.44 -7.24
CA LEU B 118 11.38 -31.91 -6.04
C LEU B 118 11.17 -30.39 -6.06
N ALA B 119 9.91 -29.99 -6.20
CA ALA B 119 9.54 -28.58 -6.28
C ALA B 119 8.83 -28.12 -5.01
N LEU B 120 9.32 -27.03 -4.41
CA LEU B 120 8.82 -26.55 -3.13
C LEU B 120 8.82 -25.02 -3.07
N PRO B 121 7.96 -24.44 -2.22
CA PRO B 121 7.95 -22.99 -2.07
C PRO B 121 8.92 -22.52 -0.99
N HIS B 122 9.11 -21.21 -0.88
CA HIS B 122 10.00 -20.67 0.13
C HIS B 122 9.30 -20.66 1.48
N SER B 123 9.12 -21.83 2.05
CA SER B 123 8.48 -21.97 3.35
C SER B 123 9.35 -22.79 4.30
N GLY B 124 9.27 -22.47 5.59
CA GLY B 124 10.03 -23.17 6.59
C GLY B 124 11.53 -23.01 6.41
N ASN B 125 12.27 -24.10 6.61
CA ASN B 125 13.70 -24.13 6.33
C ASN B 125 14.06 -25.21 5.32
N TRP B 126 14.09 -24.84 4.04
CA TRP B 126 14.39 -25.77 2.96
C TRP B 126 15.83 -26.29 3.00
N ASP B 127 16.73 -25.49 3.55
CA ASP B 127 18.13 -25.93 3.70
C ASP B 127 18.20 -27.12 4.67
N MET B 128 17.34 -27.12 5.67
CA MET B 128 17.30 -28.22 6.62
C MET B 128 16.80 -29.50 5.96
N ALA B 129 15.80 -29.35 5.10
CA ALA B 129 15.29 -30.47 4.32
C ALA B 129 16.41 -30.99 3.42
N GLY B 130 17.15 -30.06 2.83
CA GLY B 130 18.27 -30.42 2.00
C GLY B 130 19.32 -31.22 2.75
N VAL B 131 19.66 -30.78 3.97
CA VAL B 131 20.58 -31.55 4.80
C VAL B 131 20.02 -32.94 5.09
N TRP B 132 18.71 -33.01 5.37
CA TRP B 132 18.10 -34.29 5.67
C TRP B 132 18.20 -35.22 4.48
N LEU B 133 17.98 -34.68 3.28
CA LEU B 133 18.05 -35.51 2.09
C LEU B 133 19.50 -35.92 1.81
N VAL B 134 20.44 -34.98 1.97
CA VAL B 134 21.85 -35.30 1.79
C VAL B 134 22.26 -36.43 2.72
N GLN B 135 21.73 -36.42 3.94
CA GLN B 135 22.14 -37.39 4.94
C GLN B 135 21.42 -38.72 4.75
N ASN B 136 20.17 -38.66 4.28
CA ASN B 136 19.33 -39.85 4.15
C ASN B 136 19.37 -40.50 2.76
N TYR B 137 19.76 -39.74 1.74
CA TYR B 137 19.90 -40.28 0.38
C TYR B 137 21.33 -40.08 -0.13
N GLY B 138 21.75 -38.82 -0.21
CA GLY B 138 23.07 -38.49 -0.71
C GLY B 138 23.04 -37.12 -1.35
N PRO B 139 24.17 -36.67 -1.88
CA PRO B 139 24.19 -35.36 -2.55
C PRO B 139 23.17 -35.27 -3.67
N PHE B 140 22.60 -34.08 -3.87
CA PHE B 140 21.65 -33.84 -4.94
C PHE B 140 22.01 -32.52 -5.59
N THR B 141 21.34 -32.19 -6.70
CA THR B 141 21.64 -30.96 -7.43
C THR B 141 20.49 -29.98 -7.37
N THR B 142 20.83 -28.70 -7.30
CA THR B 142 19.85 -27.62 -7.30
C THR B 142 20.42 -26.42 -8.06
N VAL B 143 19.64 -25.35 -8.13
CA VAL B 143 20.08 -24.12 -8.78
C VAL B 143 19.81 -22.91 -7.90
N ALA B 144 20.62 -21.88 -8.08
CA ALA B 144 20.46 -20.64 -7.33
C ALA B 144 20.68 -19.44 -8.23
N GLU B 145 19.85 -18.42 -8.01
CA GLU B 145 19.99 -17.10 -8.61
C GLU B 145 21.38 -16.51 -8.34
N ARG B 146 21.98 -15.90 -9.38
CA ARG B 146 23.31 -15.30 -9.21
C ARG B 146 23.24 -13.90 -8.62
N LEU B 147 23.18 -13.82 -7.30
CA LEU B 147 23.01 -12.54 -6.63
C LEU B 147 24.19 -11.65 -6.96
N LYS B 148 24.08 -10.36 -6.65
CA LYS B 148 25.19 -9.43 -6.77
C LYS B 148 25.47 -8.87 -5.38
N PRO B 149 26.74 -8.70 -5.01
CA PRO B 149 28.00 -8.99 -5.73
C PRO B 149 28.34 -10.48 -5.76
N GLU B 150 29.31 -10.83 -6.60
CA GLU B 150 29.76 -12.21 -6.75
C GLU B 150 30.26 -12.85 -5.46
N SER B 151 30.81 -12.05 -4.55
CA SER B 151 31.30 -12.58 -3.28
C SER B 151 30.16 -13.13 -2.44
N LEU B 152 29.00 -12.49 -2.53
CA LEU B 152 27.82 -12.98 -1.83
C LEU B 152 27.29 -14.24 -2.51
N TYR B 153 27.32 -14.26 -3.85
CA TYR B 153 26.91 -15.46 -4.56
C TYR B 153 27.78 -16.63 -4.12
N ARG B 154 29.08 -16.38 -4.06
CA ARG B 154 30.05 -17.40 -3.67
C ARG B 154 29.79 -17.81 -2.23
N ARG B 155 29.51 -16.83 -1.38
CA ARG B 155 29.13 -17.10 0.00
C ARG B 155 27.98 -18.10 0.09
N PHE B 156 26.92 -17.86 -0.67
CA PHE B 156 25.79 -18.79 -0.65
C PHE B 156 26.12 -20.16 -1.22
N VAL B 157 26.86 -20.19 -2.34
CA VAL B 157 27.27 -21.47 -2.91
C VAL B 157 28.12 -22.28 -1.93
N GLU B 158 29.09 -21.62 -1.31
CA GLU B 158 29.99 -22.24 -0.37
C GLU B 158 29.18 -22.78 0.82
N TYR B 159 28.24 -21.94 1.26
CA TYR B 159 27.32 -22.28 2.33
C TYR B 159 26.59 -23.58 2.02
N ARG B 160 25.90 -23.64 0.89
CA ARG B 160 25.11 -24.82 0.55
C ARG B 160 26.01 -26.01 0.25
N GLU B 161 27.18 -25.77 -0.34
CA GLU B 161 28.11 -26.87 -0.58
C GLU B 161 28.54 -27.46 0.76
N SER B 162 28.62 -26.62 1.80
CA SER B 162 28.97 -27.15 3.12
C SER B 162 27.79 -27.95 3.70
N LEU B 163 26.62 -27.82 3.10
CA LEU B 163 25.46 -28.64 3.47
C LEU B 163 25.40 -29.94 2.68
N GLY B 164 26.23 -30.03 1.63
CA GLY B 164 26.32 -31.24 0.83
C GLY B 164 25.60 -31.20 -0.50
N PHE B 165 25.16 -30.01 -0.93
CA PHE B 165 24.47 -29.90 -2.23
C PHE B 165 25.44 -29.61 -3.35
N GLU B 166 25.06 -30.01 -4.56
CA GLU B 166 25.70 -29.53 -5.77
C GLU B 166 24.83 -28.38 -6.25
N VAL B 167 25.40 -27.18 -6.36
CA VAL B 167 24.64 -26.01 -6.79
C VAL B 167 25.12 -25.49 -8.13
N LEU B 168 24.22 -25.46 -9.10
CA LEU B 168 24.52 -24.93 -10.41
C LEU B 168 24.14 -23.46 -10.46
N PRO B 169 25.00 -22.62 -11.05
CA PRO B 169 24.60 -21.23 -11.28
C PRO B 169 23.53 -21.10 -12.35
N LEU B 170 22.50 -20.29 -12.11
CA LEU B 170 21.46 -20.09 -13.10
C LEU B 170 22.01 -19.40 -14.34
N THR B 171 23.09 -18.65 -14.15
CA THR B 171 23.75 -17.93 -15.24
C THR B 171 25.27 -17.90 -15.02
N GLY B 172 26.03 -18.02 -16.10
CA GLY B 172 27.47 -17.84 -16.03
C GLY B 172 28.27 -19.12 -15.79
N GLY B 173 27.59 -20.26 -15.78
CA GLY B 173 28.27 -21.53 -15.58
C GLY B 173 28.86 -22.04 -16.87
N GLU B 174 29.55 -23.18 -16.80
CA GLU B 174 30.17 -23.75 -17.99
C GLU B 174 29.12 -24.13 -19.02
N ARG B 175 28.08 -24.82 -18.55
CA ARG B 175 27.01 -25.30 -19.41
C ARG B 175 25.67 -24.76 -18.93
N PRO B 176 24.65 -24.81 -19.80
CA PRO B 176 23.33 -24.40 -19.31
C PRO B 176 22.89 -25.37 -18.20
N PRO B 177 22.45 -24.85 -17.05
CA PRO B 177 22.10 -25.68 -15.88
C PRO B 177 21.05 -26.77 -16.12
N PHE B 178 20.05 -26.48 -16.93
CA PHE B 178 18.93 -27.40 -17.09
C PHE B 178 19.24 -28.53 -18.06
N GLU B 179 20.46 -28.55 -18.59
CA GLU B 179 20.98 -29.72 -19.27
C GLU B 179 21.66 -30.65 -18.28
N VAL B 180 22.39 -30.05 -17.33
CA VAL B 180 23.05 -30.82 -16.29
C VAL B 180 21.98 -31.45 -15.41
N LEU B 181 20.99 -30.66 -15.04
CA LEU B 181 19.89 -31.16 -14.21
C LEU B 181 19.24 -32.34 -14.91
N ALA B 182 18.94 -32.17 -16.19
CA ALA B 182 18.35 -33.24 -16.99
C ALA B 182 19.26 -34.46 -17.00
N GLU B 183 20.56 -34.23 -17.08
CA GLU B 183 21.51 -35.33 -17.04
C GLU B 183 21.46 -36.03 -15.67
N ARG B 184 21.28 -35.25 -14.62
CA ARG B 184 21.12 -35.83 -13.28
C ARG B 184 19.87 -36.68 -13.23
N LEU B 185 18.77 -36.16 -13.77
CA LEU B 185 17.49 -36.87 -13.77
C LEU B 185 17.53 -38.16 -14.59
N THR B 186 18.22 -38.13 -15.72
CA THR B 186 18.28 -39.31 -16.58
C THR B 186 19.21 -40.37 -15.98
N ASP B 187 20.00 -39.96 -14.98
CA ASP B 187 20.84 -40.88 -14.23
C ASP B 187 20.11 -41.35 -12.97
N ASN B 188 18.80 -41.16 -12.94
CA ASN B 188 17.95 -41.55 -11.81
C ASN B 188 18.30 -40.89 -10.48
N ARG B 189 18.51 -39.58 -10.49
CA ARG B 189 18.79 -38.86 -9.26
C ARG B 189 17.73 -37.80 -8.99
N PRO B 190 17.55 -37.42 -7.72
CA PRO B 190 16.66 -36.33 -7.38
C PRO B 190 17.30 -34.96 -7.53
N ILE B 191 16.48 -33.98 -7.92
CA ILE B 191 16.86 -32.57 -7.86
C ILE B 191 15.81 -31.81 -7.05
N CYS B 192 16.25 -30.71 -6.44
CA CYS B 192 15.35 -29.84 -5.67
C CYS B 192 15.36 -28.44 -6.25
N LEU B 193 14.16 -27.88 -6.42
CA LEU B 193 13.99 -26.55 -6.99
C LEU B 193 13.04 -25.70 -6.17
N MET B 194 13.46 -24.48 -5.83
CA MET B 194 12.52 -23.51 -5.30
C MET B 194 11.66 -23.07 -6.47
N ALA B 195 10.35 -23.27 -6.36
CA ALA B 195 9.51 -23.39 -7.55
C ALA B 195 8.23 -22.55 -7.55
N GLU B 196 8.09 -21.61 -6.62
CA GLU B 196 6.87 -20.78 -6.61
C GLU B 196 7.14 -19.35 -7.08
N ARG B 197 8.38 -19.06 -7.48
CA ARG B 197 8.74 -17.70 -7.89
C ARG B 197 9.74 -17.62 -9.04
N ASP B 198 9.35 -16.95 -10.11
CA ASP B 198 10.24 -16.71 -11.23
C ASP B 198 9.64 -15.63 -12.12
N LEU B 199 9.88 -14.37 -11.77
CA LEU B 199 9.26 -13.24 -12.43
C LEU B 199 10.18 -12.73 -13.53
N THR B 200 10.53 -13.63 -14.46
CA THR B 200 11.29 -13.28 -15.63
C THR B 200 10.47 -13.61 -16.86
N ARG B 201 10.97 -13.22 -18.03
CA ARG B 201 10.25 -13.41 -19.28
C ARG B 201 9.89 -14.87 -19.50
N SER B 202 10.76 -15.78 -19.04
CA SER B 202 10.58 -17.20 -19.29
C SER B 202 9.72 -17.89 -18.22
N GLY B 203 9.42 -17.18 -17.14
CA GLY B 203 8.52 -17.73 -16.14
C GLY B 203 7.12 -17.98 -16.67
N VAL B 204 6.45 -19.00 -16.14
CA VAL B 204 5.12 -19.37 -16.59
C VAL B 204 4.06 -18.58 -15.84
N GLN B 205 3.14 -17.95 -16.57
CA GLN B 205 2.04 -17.25 -15.91
C GLN B 205 1.06 -18.27 -15.35
N VAL B 206 0.82 -18.21 -14.05
CA VAL B 206 -0.14 -19.11 -13.39
C VAL B 206 -1.02 -18.34 -12.38
N ASP B 207 -2.20 -18.87 -12.11
CA ASP B 207 -3.03 -18.37 -11.02
C ASP B 207 -2.60 -18.91 -9.66
N PHE B 208 -2.56 -18.02 -8.67
CA PHE B 208 -2.08 -18.34 -7.33
C PHE B 208 -2.85 -17.52 -6.30
N PHE B 209 -3.67 -18.19 -5.50
CA PHE B 209 -4.59 -17.50 -4.60
C PHE B 209 -5.44 -16.46 -5.33
N GLY B 210 -5.91 -16.83 -6.52
CA GLY B 210 -6.88 -16.03 -7.25
C GLY B 210 -6.35 -14.86 -8.06
N GLU B 211 -5.03 -14.71 -8.14
CA GLU B 211 -4.43 -13.62 -8.90
C GLU B 211 -3.20 -14.08 -9.67
N ALA B 212 -2.87 -13.35 -10.73
CA ALA B 212 -1.84 -13.77 -11.69
C ALA B 212 -0.42 -13.60 -11.13
N THR B 213 0.36 -14.68 -11.21
CA THR B 213 1.78 -14.63 -10.87
C THR B 213 2.58 -15.40 -11.92
N ARG B 214 3.90 -15.43 -11.77
CA ARG B 214 4.75 -16.27 -12.61
C ARG B 214 5.61 -17.21 -11.78
N MET B 215 5.62 -18.47 -12.20
CA MET B 215 6.43 -19.52 -11.59
C MET B 215 7.38 -20.14 -12.62
N PRO B 216 8.53 -20.66 -12.17
CA PRO B 216 9.51 -21.20 -13.12
C PRO B 216 9.04 -22.42 -13.89
N ALA B 217 9.49 -22.53 -15.14
CA ALA B 217 9.07 -23.62 -16.03
C ALA B 217 9.92 -24.87 -15.85
N GLY B 218 11.04 -24.73 -15.15
CA GLY B 218 12.03 -25.79 -15.02
C GLY B 218 11.54 -27.16 -14.61
N PRO B 219 10.80 -27.24 -13.49
CA PRO B 219 10.30 -28.53 -12.99
C PRO B 219 9.48 -29.32 -14.01
N ALA B 220 8.56 -28.62 -14.67
CA ALA B 220 7.73 -29.23 -15.67
C ALA B 220 8.53 -29.62 -16.90
N LYS B 221 9.35 -28.70 -17.40
CA LYS B 221 10.15 -29.00 -18.57
C LYS B 221 11.01 -30.24 -18.33
N LEU B 222 11.67 -30.27 -17.17
CA LEU B 222 12.55 -31.38 -16.83
C LEU B 222 11.77 -32.68 -16.67
N ALA B 223 10.60 -32.59 -16.04
CA ALA B 223 9.79 -33.78 -15.81
C ALA B 223 9.27 -34.33 -17.14
N ILE B 224 8.80 -33.44 -18.01
CA ILE B 224 8.34 -33.83 -19.34
C ILE B 224 9.48 -34.43 -20.15
N GLU B 225 10.63 -33.78 -20.14
CA GLU B 225 11.77 -34.22 -20.94
C GLU B 225 12.38 -35.53 -20.46
N THR B 226 12.40 -35.76 -19.15
CA THR B 226 13.14 -36.91 -18.61
C THR B 226 12.24 -38.05 -18.13
N GLY B 227 10.96 -37.76 -17.87
CA GLY B 227 10.07 -38.75 -17.30
C GLY B 227 10.18 -38.88 -15.79
N ALA B 228 11.06 -38.07 -15.20
CA ALA B 228 11.24 -38.02 -13.76
C ALA B 228 9.92 -37.69 -13.08
N ALA B 229 9.68 -38.31 -11.92
CA ALA B 229 8.50 -38.02 -11.13
C ALA B 229 8.54 -36.58 -10.63
N LEU B 230 7.42 -35.90 -10.74
CA LEU B 230 7.31 -34.52 -10.30
C LEU B 230 6.54 -34.41 -8.98
N PHE B 231 7.29 -34.40 -7.90
CA PHE B 231 6.72 -34.32 -6.56
C PHE B 231 6.68 -32.89 -6.01
N PRO B 232 5.49 -32.39 -5.65
CA PRO B 232 5.50 -31.18 -4.84
C PRO B 232 6.07 -31.51 -3.46
N VAL B 233 6.76 -30.58 -2.82
CA VAL B 233 7.26 -30.78 -1.47
C VAL B 233 6.87 -29.55 -0.66
N HIS B 234 6.69 -29.74 0.64
CA HIS B 234 6.48 -28.61 1.54
C HIS B 234 7.31 -28.71 2.82
N CYS B 235 7.86 -27.58 3.24
CA CYS B 235 8.51 -27.47 4.54
C CYS B 235 7.85 -26.38 5.38
N TRP B 236 7.76 -26.63 6.67
CA TRP B 236 7.20 -25.69 7.61
C TRP B 236 7.86 -25.85 8.98
N PHE B 237 7.55 -24.95 9.90
CA PHE B 237 8.09 -25.03 11.25
C PHE B 237 7.09 -25.72 12.17
N GLU B 238 7.54 -26.80 12.79
CA GLU B 238 6.68 -27.62 13.63
C GLU B 238 7.17 -27.52 15.07
N GLY B 239 6.57 -26.59 15.82
CA GLY B 239 7.04 -26.30 17.16
C GLY B 239 8.50 -25.86 17.12
N ASP B 240 9.31 -26.43 18.00
CA ASP B 240 10.73 -26.13 18.01
C ASP B 240 11.47 -27.00 16.98
N GLY B 241 10.72 -27.77 16.20
CA GLY B 241 11.29 -28.64 15.19
C GLY B 241 10.95 -28.22 13.78
N TRP B 242 11.04 -29.18 12.86
CA TRP B 242 10.85 -28.92 11.44
C TRP B 242 9.90 -29.93 10.80
N GLY B 243 8.92 -29.45 10.06
CA GLY B 243 7.97 -30.30 9.37
C GLY B 243 8.24 -30.39 7.87
N MET B 244 8.20 -31.59 7.33
CA MET B 244 8.46 -31.81 5.90
C MET B 244 7.52 -32.89 5.37
N ARG B 245 7.12 -32.76 4.11
CA ARG B 245 6.22 -33.73 3.49
C ARG B 245 6.40 -33.82 1.97
N VAL B 246 6.33 -35.04 1.45
CA VAL B 246 6.29 -35.27 0.00
C VAL B 246 4.88 -35.60 -0.44
N TYR B 247 4.39 -34.90 -1.46
CA TYR B 247 3.03 -35.09 -1.95
C TYR B 247 3.03 -35.98 -3.19
N PRO B 248 1.87 -36.59 -3.51
CA PRO B 248 1.71 -37.46 -4.69
C PRO B 248 2.19 -36.79 -5.97
N GLU B 249 2.82 -37.57 -6.85
CA GLU B 249 3.41 -36.98 -8.05
C GLU B 249 2.36 -36.35 -8.95
N LEU B 250 2.77 -35.33 -9.68
CA LEU B 250 1.89 -34.63 -10.61
C LEU B 250 1.78 -35.39 -11.93
N ASP B 251 0.57 -35.42 -12.48
CA ASP B 251 0.36 -36.03 -13.79
C ASP B 251 1.10 -35.21 -14.85
N THR B 252 1.96 -35.86 -15.63
CA THR B 252 2.68 -35.17 -16.70
C THR B 252 2.14 -35.59 -18.06
N SER B 253 1.03 -36.33 -18.07
CA SER B 253 0.46 -36.89 -19.28
C SER B 253 0.06 -35.82 -20.29
N SER B 254 -0.21 -34.62 -19.81
CA SER B 254 -0.64 -33.53 -20.68
C SER B 254 0.46 -32.97 -21.57
N GLY B 255 1.72 -33.15 -21.18
CA GLY B 255 2.83 -32.56 -21.90
C GLY B 255 2.76 -31.05 -21.98
N ASP B 256 1.99 -30.44 -21.07
CA ASP B 256 1.74 -29.01 -21.12
C ASP B 256 2.35 -28.35 -19.87
N VAL B 257 3.38 -27.54 -20.09
CA VAL B 257 4.09 -26.88 -19.00
C VAL B 257 3.19 -26.04 -18.09
N THR B 258 2.22 -25.35 -18.70
CA THR B 258 1.37 -24.43 -17.97
C THR B 258 0.35 -25.12 -17.07
N ALA B 259 -0.24 -26.20 -17.56
CA ALA B 259 -1.19 -26.99 -16.77
C ALA B 259 -0.52 -27.64 -15.57
N ILE B 260 0.65 -28.23 -15.81
CA ILE B 260 1.37 -28.91 -14.75
C ILE B 260 1.84 -27.89 -13.73
N THR B 261 2.36 -26.77 -14.23
CA THR B 261 2.81 -25.73 -13.33
C THR B 261 1.62 -25.12 -12.59
N GLN B 262 0.45 -25.11 -13.23
CA GLN B 262 -0.74 -24.61 -12.54
C GLN B 262 -1.15 -25.55 -11.40
N ALA B 263 -1.11 -26.85 -11.66
CA ALA B 263 -1.41 -27.82 -10.60
C ALA B 263 -0.41 -27.70 -9.45
N LEU B 264 0.84 -27.52 -9.82
CA LEU B 264 1.91 -27.34 -8.84
C LEU B 264 1.62 -26.10 -8.00
N ALA B 265 1.31 -25.00 -8.67
CA ALA B 265 0.96 -23.76 -7.98
C ALA B 265 -0.21 -23.98 -7.02
N ASP B 266 -1.22 -24.72 -7.48
CA ASP B 266 -2.39 -25.00 -6.66
C ASP B 266 -1.99 -25.76 -5.38
N ARG B 267 -1.06 -26.71 -5.53
CA ARG B 267 -0.63 -27.47 -4.36
C ARG B 267 0.15 -26.58 -3.41
N PHE B 268 1.04 -25.76 -3.98
CA PHE B 268 1.78 -24.81 -3.17
C PHE B 268 0.78 -23.94 -2.41
N ALA B 269 -0.28 -23.49 -3.09
CA ALA B 269 -1.26 -22.63 -2.44
C ALA B 269 -1.95 -23.35 -1.28
N ALA B 270 -2.27 -24.63 -1.48
CA ALA B 270 -2.94 -25.39 -0.42
C ALA B 270 -2.03 -25.61 0.79
N ASN B 271 -0.75 -25.86 0.51
CA ASN B 271 0.17 -26.15 1.59
C ASN B 271 0.50 -24.87 2.34
N ILE B 272 0.67 -23.78 1.60
CA ILE B 272 0.90 -22.50 2.24
C ILE B 272 -0.35 -22.12 3.02
N ALA B 273 -1.52 -22.46 2.47
CA ALA B 273 -2.76 -22.16 3.17
C ALA B 273 -2.77 -22.92 4.50
N THR B 274 -2.14 -24.09 4.51
CA THR B 274 -2.09 -24.87 5.75
C THR B 274 -1.14 -24.26 6.79
N TYR B 275 -0.01 -23.70 6.33
CA TYR B 275 1.00 -23.11 7.21
C TYR B 275 1.42 -21.73 6.74
N PRO B 276 0.50 -20.75 6.79
CA PRO B 276 0.80 -19.43 6.22
C PRO B 276 1.98 -18.69 6.86
N ALA B 277 2.21 -18.85 8.16
CA ALA B 277 3.28 -18.12 8.84
C ALA B 277 4.69 -18.60 8.47
N ASP B 278 4.79 -19.78 7.88
CA ASP B 278 6.07 -20.43 7.61
C ASP B 278 6.60 -20.17 6.20
N TRP B 279 5.77 -19.54 5.38
CA TRP B 279 6.07 -19.10 4.00
C TRP B 279 6.71 -17.72 3.92
N HIS B 280 8.06 -17.68 3.95
CA HIS B 280 8.76 -16.41 3.88
C HIS B 280 8.94 -15.80 2.49
N MET B 281 7.89 -15.13 2.01
CA MET B 281 7.98 -14.32 0.82
C MET B 281 7.94 -12.83 1.18
N LEU B 282 9.09 -12.18 1.36
CA LEU B 282 9.07 -10.75 1.68
C LEU B 282 9.22 -9.90 0.42
N GLN B 283 9.56 -10.55 -0.69
CA GLN B 283 9.63 -9.91 -1.99
C GLN B 283 8.27 -10.01 -2.68
N PRO B 284 8.02 -9.15 -3.66
CA PRO B 284 6.79 -9.26 -4.47
C PRO B 284 6.64 -10.64 -5.11
N GLN B 285 5.41 -11.14 -5.10
CA GLN B 285 5.09 -12.46 -5.61
C GLN B 285 4.07 -12.34 -6.74
N TRP B 286 2.99 -11.63 -6.48
CA TRP B 286 1.95 -11.47 -7.48
C TRP B 286 2.33 -10.34 -8.44
N ILE B 287 1.94 -10.48 -9.70
CA ILE B 287 2.37 -9.57 -10.76
C ILE B 287 1.94 -8.13 -10.47
N ALA B 288 0.73 -7.99 -9.92
CA ALA B 288 0.16 -6.67 -9.63
C ALA B 288 0.97 -5.83 -8.65
N ASP B 289 1.86 -6.45 -7.87
CA ASP B 289 2.63 -5.73 -6.86
C ASP B 289 3.96 -5.23 -7.42
N LEU B 290 4.23 -5.56 -8.68
CA LEU B 290 5.45 -5.10 -9.36
C LEU B 290 5.31 -3.64 -9.77
N SER B 291 6.42 -2.91 -9.81
CA SER B 291 6.43 -1.57 -10.37
C SER B 291 6.25 -1.64 -11.88
N ASP B 292 5.76 -0.56 -12.48
CA ASP B 292 5.45 -0.53 -13.90
C ASP B 292 6.63 -0.88 -14.79
N GLU B 293 7.84 -0.52 -14.36
CA GLU B 293 9.03 -0.79 -15.15
C GLU B 293 9.45 -2.25 -15.08
N ARG B 294 9.32 -2.85 -13.90
CA ARG B 294 9.63 -4.26 -13.72
C ARG B 294 8.50 -5.12 -14.26
N ARG B 295 7.28 -4.60 -14.16
CA ARG B 295 6.08 -5.29 -14.64
C ARG B 295 6.07 -5.38 -16.17
N ALA B 296 6.75 -4.43 -16.81
CA ALA B 296 6.90 -4.38 -18.26
C ALA B 296 7.83 -5.48 -18.79
N ARG B 297 8.97 -5.62 -18.11
CA ARG B 297 10.03 -6.55 -18.50
C ARG B 297 9.53 -7.96 -18.83
N LEU B 298 8.45 -8.37 -18.19
CA LEU B 298 7.87 -9.70 -18.44
C LEU B 298 7.12 -9.74 -19.76
N PRO C 46 -13.59 0.55 -15.03
CA PRO C 46 -12.32 1.14 -15.51
C PRO C 46 -11.61 0.24 -16.51
N GLU C 47 -11.69 -1.07 -16.28
CA GLU C 47 -11.03 -2.06 -17.13
C GLU C 47 -11.72 -2.11 -18.49
N GLN C 48 -13.03 -1.98 -18.45
CA GLN C 48 -13.84 -1.94 -19.66
C GLN C 48 -13.55 -0.66 -20.42
N LEU C 49 -13.31 0.42 -19.68
CA LEU C 49 -12.92 1.68 -20.30
C LEU C 49 -11.59 1.49 -21.03
N ARG C 50 -10.64 0.82 -20.39
CA ARG C 50 -9.36 0.55 -21.03
C ARG C 50 -9.61 -0.30 -22.28
N ARG C 51 -10.54 -1.24 -22.16
CA ARG C 51 -10.82 -2.15 -23.26
C ARG C 51 -11.50 -1.41 -24.41
N ASN C 52 -12.29 -0.38 -24.10
CA ASN C 52 -12.92 0.41 -25.13
C ASN C 52 -11.86 1.30 -25.80
N LEU C 53 -10.99 1.87 -24.97
CA LEU C 53 -9.89 2.68 -25.45
C LEU C 53 -8.97 1.85 -26.34
N ALA C 54 -8.89 0.55 -26.06
CA ALA C 54 -8.07 -0.34 -26.88
C ALA C 54 -8.58 -0.26 -28.31
N ARG C 55 -9.90 -0.19 -28.45
CA ARG C 55 -10.54 -0.05 -29.75
C ARG C 55 -10.22 1.35 -30.26
N VAL C 56 -10.28 2.32 -29.36
CA VAL C 56 -10.10 3.72 -29.74
C VAL C 56 -8.72 3.96 -30.37
N VAL C 57 -7.66 3.35 -29.84
CA VAL C 57 -6.33 3.65 -30.36
C VAL C 57 -5.86 2.56 -31.32
N GLY C 58 -6.65 1.50 -31.44
CA GLY C 58 -6.38 0.43 -32.39
C GLY C 58 -5.18 -0.36 -31.91
N LYS C 59 -5.20 -0.70 -30.62
CA LYS C 59 -4.13 -1.46 -29.99
C LYS C 59 -4.74 -2.48 -29.05
N PRO C 60 -4.00 -3.55 -28.75
CA PRO C 60 -4.51 -4.47 -27.73
C PRO C 60 -4.61 -3.78 -26.37
N PRO C 61 -5.58 -4.18 -25.54
CA PRO C 61 -5.82 -3.53 -24.24
C PRO C 61 -4.57 -3.30 -23.40
N ALA C 62 -3.65 -4.25 -23.44
CA ALA C 62 -2.44 -4.18 -22.63
C ALA C 62 -1.52 -3.03 -23.05
N ASP C 63 -1.62 -2.59 -24.30
CA ASP C 63 -0.70 -1.57 -24.82
C ASP C 63 -1.28 -0.16 -24.82
N VAL C 64 -2.51 0.00 -24.37
CA VAL C 64 -3.13 1.32 -24.31
C VAL C 64 -2.33 2.26 -23.38
N PRO C 65 -1.94 3.45 -23.87
CA PRO C 65 -1.07 4.34 -23.07
C PRO C 65 -1.63 4.68 -21.69
N ASP C 66 -0.80 4.61 -20.65
CA ASP C 66 -1.20 4.92 -19.28
C ASP C 66 -1.81 6.32 -19.13
N ASP C 67 -1.17 7.29 -19.78
CA ASP C 67 -1.58 8.69 -19.73
C ASP C 67 -2.99 8.90 -20.27
N LEU C 68 -3.35 8.14 -21.30
CA LEU C 68 -4.68 8.22 -21.87
C LEU C 68 -5.72 7.71 -20.87
N ILE C 69 -5.44 6.56 -20.27
CA ILE C 69 -6.33 6.00 -19.25
C ILE C 69 -6.52 6.99 -18.11
N ARG C 70 -5.40 7.60 -17.71
CA ARG C 70 -5.44 8.60 -16.65
C ARG C 70 -6.31 9.79 -17.04
N ALA C 71 -6.05 10.33 -18.23
CA ALA C 71 -6.78 11.51 -18.69
C ALA C 71 -8.26 11.21 -18.84
N SER C 72 -8.58 9.98 -19.27
CA SER C 72 -9.98 9.61 -19.44
C SER C 72 -10.68 9.51 -18.10
N LEU C 73 -9.98 8.97 -17.10
CA LEU C 73 -10.55 8.90 -15.77
C LEU C 73 -10.71 10.30 -15.17
N ALA C 74 -9.73 11.17 -15.43
CA ALA C 74 -9.83 12.55 -14.97
C ALA C 74 -10.99 13.30 -15.63
N SER C 75 -11.21 13.03 -16.92
CA SER C 75 -12.30 13.69 -17.62
C SER C 75 -13.64 13.21 -17.08
N TYR C 76 -13.74 11.91 -16.81
CA TYR C 76 -14.94 11.33 -16.22
C TYR C 76 -15.24 11.97 -14.85
N ALA C 77 -14.20 12.08 -14.02
CA ALA C 77 -14.36 12.71 -12.71
C ALA C 77 -14.80 14.15 -12.90
N ARG C 78 -14.21 14.82 -13.88
CA ARG C 78 -14.58 16.21 -14.15
C ARG C 78 -16.06 16.29 -14.49
N TYR C 79 -16.52 15.36 -15.32
CA TYR C 79 -17.93 15.35 -15.70
C TYR C 79 -18.81 15.29 -14.47
N TRP C 80 -18.55 14.34 -13.58
CA TRP C 80 -19.45 14.24 -12.42
C TRP C 80 -19.35 15.39 -11.43
N ARG C 81 -18.14 15.93 -11.22
CA ARG C 81 -18.04 17.09 -10.31
C ARG C 81 -18.77 18.28 -10.90
N GLU C 82 -18.69 18.45 -12.22
CA GLU C 82 -19.39 19.57 -12.84
C GLU C 82 -20.89 19.33 -12.88
N ALA C 83 -21.29 18.07 -13.10
CA ALA C 83 -22.70 17.74 -13.12
C ALA C 83 -23.32 18.05 -11.77
N PHE C 84 -22.55 17.82 -10.70
CA PHE C 84 -23.04 18.11 -9.36
C PHE C 84 -23.40 19.59 -9.16
N ARG C 85 -22.53 20.47 -9.64
CA ARG C 85 -22.64 21.91 -9.36
C ARG C 85 -23.25 22.73 -10.49
N LEU C 86 -23.44 22.13 -11.66
CA LEU C 86 -23.86 22.87 -12.85
C LEU C 86 -25.14 23.71 -12.63
N PRO C 87 -26.19 23.13 -12.04
CA PRO C 87 -27.44 23.89 -11.80
C PRO C 87 -27.30 25.22 -11.03
N ALA C 88 -26.24 25.40 -10.25
CA ALA C 88 -26.10 26.60 -9.43
C ALA C 88 -25.21 27.67 -10.04
N MET C 89 -24.55 27.34 -11.15
CA MET C 89 -23.68 28.31 -11.84
C MET C 89 -24.54 29.35 -12.56
N ASP C 90 -23.89 30.42 -13.01
CA ASP C 90 -24.56 31.48 -13.77
C ASP C 90 -24.72 31.03 -15.22
N HIS C 91 -25.88 30.45 -15.51
CA HIS C 91 -26.18 29.90 -16.84
C HIS C 91 -26.19 30.92 -17.95
N GLY C 92 -26.64 32.14 -17.65
CA GLY C 92 -26.63 33.21 -18.64
C GLY C 92 -25.24 33.48 -19.16
N ARG C 93 -24.29 33.66 -18.23
CA ARG C 93 -22.90 33.92 -18.60
C ARG C 93 -22.37 32.79 -19.47
N LEU C 94 -22.59 31.55 -19.02
CA LEU C 94 -22.14 30.38 -19.77
C LEU C 94 -22.75 30.38 -21.16
N GLY C 95 -24.03 30.74 -21.23
CA GLY C 95 -24.74 30.82 -22.49
C GLY C 95 -24.16 31.93 -23.35
N GLU C 96 -23.69 32.97 -22.69
CA GLU C 96 -23.13 34.13 -23.37
C GLU C 96 -21.69 33.90 -23.82
N GLN C 97 -20.92 33.15 -23.03
CA GLN C 97 -19.47 33.10 -23.21
C GLN C 97 -18.94 31.87 -23.95
N LEU C 98 -19.67 30.76 -23.91
CA LEU C 98 -19.27 29.58 -24.68
C LEU C 98 -19.74 29.66 -26.13
N ASP C 99 -18.98 29.01 -27.01
CA ASP C 99 -19.32 28.94 -28.43
C ASP C 99 -19.48 27.49 -28.89
N VAL C 100 -20.20 27.32 -29.99
CA VAL C 100 -20.34 26.03 -30.66
C VAL C 100 -19.87 26.20 -32.10
N ILE C 101 -18.89 25.38 -32.51
CA ILE C 101 -18.39 25.45 -33.88
C ILE C 101 -19.46 25.03 -34.87
N ASP C 102 -19.66 25.89 -35.87
CA ASP C 102 -20.57 25.66 -36.99
C ASP C 102 -21.99 25.48 -36.47
N ILE C 103 -22.34 26.24 -35.44
CA ILE C 103 -23.70 26.23 -34.92
C ILE C 103 -24.72 26.72 -35.95
N ASP C 104 -24.23 27.50 -36.91
CA ASP C 104 -25.09 28.07 -37.95
C ASP C 104 -25.75 26.98 -38.78
N HIS C 105 -25.13 25.81 -38.81
CA HIS C 105 -25.76 24.64 -39.39
C HIS C 105 -27.13 24.46 -38.76
N LEU C 106 -27.17 24.44 -37.44
CA LEU C 106 -28.42 24.23 -36.73
C LEU C 106 -29.40 25.38 -36.97
N TRP C 107 -28.94 26.61 -36.76
CA TRP C 107 -29.82 27.77 -36.86
C TRP C 107 -30.49 27.80 -38.22
N SER C 108 -29.73 27.48 -39.25
CA SER C 108 -30.23 27.55 -40.62
C SER C 108 -31.23 26.44 -40.81
N ALA C 109 -31.00 25.34 -40.11
CA ALA C 109 -31.96 24.24 -40.14
C ALA C 109 -33.24 24.69 -39.47
N LEU C 110 -33.12 25.50 -38.43
CA LEU C 110 -34.29 25.95 -37.69
C LEU C 110 -34.99 27.08 -38.42
N ASP C 111 -34.21 27.87 -39.16
CA ASP C 111 -34.76 28.92 -40.00
C ASP C 111 -35.56 28.36 -41.18
N ALA C 112 -35.16 27.20 -41.68
CA ALA C 112 -35.85 26.56 -42.80
C ALA C 112 -37.10 25.80 -42.36
N GLY C 113 -37.39 25.81 -41.07
CA GLY C 113 -38.60 25.20 -40.55
C GLY C 113 -38.61 23.68 -40.53
N ARG C 114 -37.46 23.06 -40.73
CA ARG C 114 -37.39 21.62 -40.93
C ARG C 114 -37.31 20.86 -39.61
N GLY C 115 -36.99 21.58 -38.53
CA GLY C 115 -36.64 20.96 -37.27
C GLY C 115 -35.27 20.30 -37.36
N ALA C 116 -34.79 19.76 -36.25
CA ALA C 116 -33.46 19.15 -36.23
C ALA C 116 -33.28 18.13 -35.10
N VAL C 117 -32.56 17.06 -35.41
CA VAL C 117 -32.15 16.07 -34.42
C VAL C 117 -30.66 16.22 -34.12
N LEU C 118 -30.31 16.56 -32.89
CA LEU C 118 -28.90 16.61 -32.49
C LEU C 118 -28.47 15.32 -31.79
N ALA C 119 -27.64 14.55 -32.49
CA ALA C 119 -27.16 13.27 -31.98
C ALA C 119 -25.67 13.32 -31.63
N LEU C 120 -25.34 12.91 -30.40
CA LEU C 120 -23.97 12.99 -29.88
C LEU C 120 -23.65 11.79 -28.99
N PRO C 121 -22.35 11.48 -28.85
CA PRO C 121 -21.91 10.39 -27.97
C PRO C 121 -21.67 10.89 -26.54
N HIS C 122 -21.43 10.00 -25.61
CA HIS C 122 -21.18 10.38 -24.23
C HIS C 122 -19.76 10.88 -24.03
N SER C 123 -19.48 12.08 -24.56
CA SER C 123 -18.17 12.70 -24.46
C SER C 123 -18.29 14.10 -23.89
N GLY C 124 -17.27 14.53 -23.15
CA GLY C 124 -17.26 15.86 -22.56
C GLY C 124 -18.39 16.06 -21.57
N ASN C 125 -19.00 17.23 -21.60
CA ASN C 125 -20.18 17.52 -20.79
C ASN C 125 -21.39 17.91 -21.65
N TRP C 126 -22.20 16.92 -21.99
CA TRP C 126 -23.37 17.14 -22.84
C TRP C 126 -24.45 17.98 -22.15
N ASP C 127 -24.48 17.91 -20.83
CA ASP C 127 -25.40 18.72 -20.04
C ASP C 127 -25.08 20.20 -20.21
N MET C 128 -23.79 20.50 -20.34
CA MET C 128 -23.35 21.87 -20.53
C MET C 128 -23.81 22.36 -21.90
N ALA C 129 -23.71 21.49 -22.90
CA ALA C 129 -24.19 21.81 -24.23
C ALA C 129 -25.70 22.07 -24.17
N GLY C 130 -26.39 21.23 -23.40
CA GLY C 130 -27.81 21.41 -23.19
C GLY C 130 -28.14 22.76 -22.59
N VAL C 131 -27.39 23.14 -21.56
CA VAL C 131 -27.55 24.47 -20.97
C VAL C 131 -27.32 25.57 -21.98
N TRP C 132 -26.27 25.39 -22.80
CA TRP C 132 -25.93 26.38 -23.81
C TRP C 132 -27.08 26.52 -24.80
N LEU C 133 -27.66 25.40 -25.18
CA LEU C 133 -28.75 25.45 -26.13
C LEU C 133 -29.98 26.07 -25.49
N VAL C 134 -30.26 25.71 -24.24
CA VAL C 134 -31.38 26.31 -23.52
C VAL C 134 -31.23 27.82 -23.45
N GLN C 135 -30.00 28.30 -23.25
CA GLN C 135 -29.80 29.73 -23.06
C GLN C 135 -29.75 30.48 -24.40
N ASN C 136 -29.23 29.84 -25.44
CA ASN C 136 -29.05 30.51 -26.73
C ASN C 136 -30.24 30.27 -27.66
N TYR C 137 -31.00 29.21 -27.43
CA TYR C 137 -32.20 28.93 -28.23
C TYR C 137 -33.45 28.85 -27.38
N GLY C 138 -33.48 27.90 -26.44
CA GLY C 138 -34.63 27.71 -25.60
C GLY C 138 -34.72 26.27 -25.19
N PRO C 139 -35.76 25.92 -24.41
CA PRO C 139 -35.92 24.52 -24.02
C PRO C 139 -35.98 23.59 -25.22
N PHE C 140 -35.44 22.38 -25.06
CA PHE C 140 -35.47 21.37 -26.10
C PHE C 140 -35.86 20.05 -25.44
N THR C 141 -36.10 19.02 -26.25
CA THR C 141 -36.53 17.74 -25.72
C THR C 141 -35.50 16.62 -25.90
N THR C 142 -35.43 15.75 -24.89
CA THR C 142 -34.56 14.58 -24.92
C THR C 142 -35.24 13.42 -24.21
N VAL C 143 -34.55 12.29 -24.16
CA VAL C 143 -35.06 11.11 -23.46
C VAL C 143 -33.97 10.54 -22.56
N ALA C 144 -34.40 9.88 -21.47
CA ALA C 144 -33.47 9.25 -20.55
C ALA C 144 -34.03 7.89 -20.16
N GLU C 145 -33.15 6.89 -20.04
CA GLU C 145 -33.53 5.60 -19.49
C GLU C 145 -34.13 5.80 -18.09
N ARG C 146 -35.23 5.10 -17.82
CA ARG C 146 -35.88 5.21 -16.52
C ARG C 146 -35.22 4.25 -15.54
N LEU C 147 -34.13 4.71 -14.93
CA LEU C 147 -33.30 3.87 -14.06
C LEU C 147 -34.07 3.38 -12.84
N LYS C 148 -33.46 2.44 -12.13
CA LYS C 148 -33.99 1.96 -10.86
C LYS C 148 -32.94 2.26 -9.80
N PRO C 149 -33.36 2.70 -8.60
CA PRO C 149 -34.74 2.95 -8.19
C PRO C 149 -35.35 4.23 -8.75
N GLU C 150 -36.66 4.34 -8.61
CA GLU C 150 -37.44 5.48 -9.08
C GLU C 150 -37.00 6.85 -8.51
N SER C 151 -36.48 6.85 -7.29
CA SER C 151 -36.03 8.08 -6.65
C SER C 151 -34.82 8.72 -7.34
N LEU C 152 -33.93 7.90 -7.85
CA LEU C 152 -32.79 8.41 -8.61
C LEU C 152 -33.28 8.94 -9.95
N TYR C 153 -34.22 8.22 -10.56
CA TYR C 153 -34.80 8.68 -11.80
C TYR C 153 -35.41 10.05 -11.59
N ARG C 154 -36.16 10.21 -10.50
CA ARG C 154 -36.80 11.47 -10.25
C ARG C 154 -35.75 12.54 -10.04
N ARG C 155 -34.69 12.20 -9.30
CA ARG C 155 -33.57 13.12 -9.14
C ARG C 155 -32.97 13.61 -10.47
N PHE C 156 -32.69 12.68 -11.37
CA PHE C 156 -32.11 13.08 -12.66
C PHE C 156 -33.04 13.89 -13.55
N VAL C 157 -34.30 13.49 -13.60
CA VAL C 157 -35.27 14.25 -14.37
C VAL C 157 -35.39 15.66 -13.85
N GLU C 158 -35.52 15.75 -12.53
CA GLU C 158 -35.68 17.02 -11.86
C GLU C 158 -34.44 17.90 -12.13
N TYR C 159 -33.25 17.29 -12.05
CA TYR C 159 -31.97 17.94 -12.35
C TYR C 159 -31.94 18.56 -13.74
N ARG C 160 -32.19 17.73 -14.76
CA ARG C 160 -32.09 18.22 -16.12
C ARG C 160 -33.21 19.22 -16.34
N GLU C 161 -34.36 18.99 -15.71
CA GLU C 161 -35.42 19.97 -15.82
C GLU C 161 -34.95 21.27 -15.16
N SER C 162 -34.13 21.17 -14.11
CA SER C 162 -33.60 22.38 -13.47
C SER C 162 -32.54 23.02 -14.36
N LEU C 163 -32.07 22.26 -15.35
CA LEU C 163 -31.17 22.81 -16.38
C LEU C 163 -31.94 23.41 -17.56
N GLY C 164 -33.25 23.15 -17.61
CA GLY C 164 -34.12 23.72 -18.62
C GLY C 164 -34.53 22.78 -19.75
N PHE C 165 -34.26 21.49 -19.59
CA PHE C 165 -34.62 20.52 -20.62
C PHE C 165 -36.01 20.00 -20.33
N GLU C 166 -36.70 19.57 -21.38
CA GLU C 166 -37.88 18.74 -21.23
C GLU C 166 -37.36 17.32 -21.38
N VAL C 167 -37.54 16.49 -20.35
CA VAL C 167 -37.05 15.11 -20.40
C VAL C 167 -38.20 14.12 -20.40
N LEU C 168 -38.25 13.32 -21.46
CA LEU C 168 -39.25 12.27 -21.60
C LEU C 168 -38.70 10.95 -21.06
N PRO C 169 -39.51 10.21 -20.29
CA PRO C 169 -39.06 8.86 -19.94
C PRO C 169 -39.04 7.92 -21.13
N LEU C 170 -37.97 7.14 -21.26
CA LEU C 170 -37.86 6.18 -22.36
C LEU C 170 -38.93 5.10 -22.21
N THR C 171 -39.38 4.90 -20.97
CA THR C 171 -40.38 3.90 -20.66
C THR C 171 -41.29 4.36 -19.53
N GLY C 172 -42.58 4.07 -19.63
CA GLY C 172 -43.50 4.34 -18.53
C GLY C 172 -44.21 5.68 -18.55
N GLY C 173 -44.01 6.45 -19.62
CA GLY C 173 -44.65 7.75 -19.73
C GLY C 173 -46.08 7.69 -20.24
N GLU C 174 -46.73 8.84 -20.32
CA GLU C 174 -48.11 8.94 -20.79
C GLU C 174 -48.26 8.49 -22.23
N ARG C 175 -47.38 9.00 -23.09
CA ARG C 175 -47.43 8.71 -24.52
C ARG C 175 -46.12 8.10 -24.98
N PRO C 176 -46.11 7.46 -26.16
CA PRO C 176 -44.85 6.94 -26.70
C PRO C 176 -43.85 8.07 -26.99
N PRO C 177 -42.60 7.93 -26.52
CA PRO C 177 -41.59 9.01 -26.66
C PRO C 177 -41.39 9.45 -28.10
N PHE C 178 -41.41 8.47 -29.01
CA PHE C 178 -41.08 8.70 -30.40
C PHE C 178 -42.31 9.25 -31.12
N GLU C 179 -43.40 9.44 -30.39
CA GLU C 179 -44.49 10.25 -30.89
C GLU C 179 -44.30 11.73 -30.55
N VAL C 180 -43.86 11.97 -29.32
CA VAL C 180 -43.59 13.32 -28.85
C VAL C 180 -42.41 13.97 -29.55
N LEU C 181 -41.31 13.22 -29.66
CA LEU C 181 -40.13 13.76 -30.32
C LEU C 181 -40.48 14.17 -31.74
N ALA C 182 -41.14 13.27 -32.45
CA ALA C 182 -41.58 13.53 -33.81
C ALA C 182 -42.50 14.74 -33.85
N GLU C 183 -43.37 14.86 -32.85
CA GLU C 183 -44.24 16.02 -32.79
C GLU C 183 -43.44 17.30 -32.56
N ARG C 184 -42.38 17.22 -31.76
CA ARG C 184 -41.50 18.37 -31.56
C ARG C 184 -40.81 18.75 -32.86
N LEU C 185 -40.29 17.75 -33.56
CA LEU C 185 -39.58 17.98 -34.82
C LEU C 185 -40.49 18.55 -35.91
N THR C 186 -41.72 18.08 -35.98
CA THR C 186 -42.65 18.54 -37.00
C THR C 186 -43.15 19.96 -36.69
N ASP C 187 -42.92 20.41 -35.46
CA ASP C 187 -43.23 21.79 -35.07
C ASP C 187 -41.99 22.67 -35.24
N ASN C 188 -41.02 22.16 -36.00
CA ASN C 188 -39.77 22.86 -36.28
C ASN C 188 -38.95 23.18 -35.04
N ARG C 189 -38.82 22.21 -34.14
CA ARG C 189 -38.03 22.36 -32.92
C ARG C 189 -36.88 21.36 -32.91
N PRO C 190 -35.80 21.66 -32.18
CA PRO C 190 -34.72 20.69 -32.01
C PRO C 190 -34.97 19.67 -30.89
N ILE C 191 -34.48 18.45 -31.10
CA ILE C 191 -34.37 17.45 -30.05
C ILE C 191 -32.94 16.93 -29.96
N CYS C 192 -32.55 16.50 -28.77
CA CYS C 192 -31.21 15.94 -28.55
C CYS C 192 -31.25 14.50 -28.04
N LEU C 193 -30.43 13.64 -28.64
CA LEU C 193 -30.37 12.23 -28.28
C LEU C 193 -28.93 11.75 -28.09
N MET C 194 -28.65 11.08 -26.97
CA MET C 194 -27.39 10.36 -26.84
C MET C 194 -27.50 9.12 -27.72
N ALA C 195 -26.60 8.98 -28.68
CA ALA C 195 -26.88 8.17 -29.86
C ALA C 195 -25.82 7.15 -30.28
N GLU C 196 -24.83 6.88 -29.42
CA GLU C 196 -23.80 5.91 -29.79
C GLU C 196 -23.93 4.60 -29.00
N ARG C 197 -24.95 4.49 -28.17
CA ARG C 197 -25.13 3.30 -27.34
C ARG C 197 -26.58 2.91 -27.14
N ASP C 198 -26.90 1.69 -27.53
CA ASP C 198 -28.23 1.14 -27.30
C ASP C 198 -28.17 -0.36 -27.53
N LEU C 199 -27.77 -1.09 -26.50
CA LEU C 199 -27.52 -2.51 -26.61
C LEU C 199 -28.76 -3.28 -26.21
N THR C 200 -29.87 -2.98 -26.88
CA THR C 200 -31.10 -3.72 -26.70
C THR C 200 -31.51 -4.31 -28.04
N ARG C 201 -32.55 -5.13 -28.02
CA ARG C 201 -32.99 -5.83 -29.21
C ARG C 201 -33.31 -4.85 -30.36
N SER C 202 -33.81 -3.66 -30.01
CA SER C 202 -34.24 -2.71 -31.03
C SER C 202 -33.12 -1.80 -31.52
N GLY C 203 -31.97 -1.83 -30.85
CA GLY C 203 -30.81 -1.08 -31.29
C GLY C 203 -30.29 -1.52 -32.65
N VAL C 204 -29.74 -0.57 -33.40
CA VAL C 204 -29.24 -0.87 -34.74
C VAL C 204 -27.79 -1.35 -34.71
N GLN C 205 -27.52 -2.49 -35.35
CA GLN C 205 -26.17 -3.00 -35.46
C GLN C 205 -25.34 -2.19 -36.44
N VAL C 206 -24.22 -1.64 -35.97
CA VAL C 206 -23.32 -0.89 -36.84
C VAL C 206 -21.88 -1.29 -36.56
N ASP C 207 -21.02 -1.11 -37.56
CA ASP C 207 -19.59 -1.24 -37.36
C ASP C 207 -19.04 0.04 -36.74
N PHE C 208 -18.17 -0.15 -35.75
CA PHE C 208 -17.64 0.95 -34.97
C PHE C 208 -16.20 0.62 -34.58
N PHE C 209 -15.26 1.35 -35.16
CA PHE C 209 -13.85 1.02 -35.03
C PHE C 209 -13.54 -0.43 -35.40
N GLY C 210 -14.18 -0.89 -36.47
CA GLY C 210 -13.86 -2.18 -37.05
C GLY C 210 -14.51 -3.37 -36.38
N GLU C 211 -15.39 -3.13 -35.41
CA GLU C 211 -16.06 -4.21 -34.71
C GLU C 211 -17.53 -3.89 -34.44
N ALA C 212 -18.33 -4.93 -34.28
CA ALA C 212 -19.78 -4.81 -34.21
C ALA C 212 -20.25 -4.25 -32.86
N THR C 213 -21.07 -3.21 -32.94
CA THR C 213 -21.73 -2.66 -31.75
C THR C 213 -23.18 -2.40 -32.12
N ARG C 214 -23.99 -1.93 -31.17
CA ARG C 214 -25.35 -1.50 -31.48
C ARG C 214 -25.58 -0.06 -31.05
N MET C 215 -26.17 0.71 -31.95
CA MET C 215 -26.53 2.10 -31.68
C MET C 215 -28.02 2.34 -31.90
N PRO C 216 -28.60 3.32 -31.19
CA PRO C 216 -30.03 3.61 -31.26
C PRO C 216 -30.49 4.09 -32.63
N ALA C 217 -31.72 3.73 -32.99
CA ALA C 217 -32.30 4.05 -34.28
C ALA C 217 -32.94 5.43 -34.32
N GLY C 218 -33.11 6.03 -33.14
CA GLY C 218 -33.85 7.27 -33.00
C GLY C 218 -33.48 8.40 -33.95
N PRO C 219 -32.18 8.76 -34.02
CA PRO C 219 -31.83 9.86 -34.91
C PRO C 219 -32.29 9.64 -36.36
N ALA C 220 -32.04 8.44 -36.87
CA ALA C 220 -32.44 8.09 -38.21
C ALA C 220 -33.95 7.98 -38.35
N LYS C 221 -34.60 7.27 -37.43
CA LYS C 221 -36.05 7.13 -37.49
C LYS C 221 -36.72 8.50 -37.51
N LEU C 222 -36.29 9.37 -36.60
CA LEU C 222 -36.84 10.70 -36.47
C LEU C 222 -36.56 11.55 -37.70
N ALA C 223 -35.34 11.44 -38.23
CA ALA C 223 -34.97 12.22 -39.39
C ALA C 223 -35.78 11.76 -40.61
N ILE C 224 -35.91 10.46 -40.78
CA ILE C 224 -36.71 9.90 -41.86
C ILE C 224 -38.18 10.30 -41.73
N GLU C 225 -38.71 10.15 -40.52
CA GLU C 225 -40.13 10.41 -40.29
C GLU C 225 -40.53 11.87 -40.38
N THR C 226 -39.66 12.78 -39.94
CA THR C 226 -40.05 14.20 -39.84
C THR C 226 -39.42 15.09 -40.91
N GLY C 227 -38.34 14.61 -41.52
CA GLY C 227 -37.59 15.43 -42.46
C GLY C 227 -36.63 16.36 -41.75
N ALA C 228 -36.60 16.28 -40.42
CA ALA C 228 -35.69 17.08 -39.60
C ALA C 228 -34.24 16.80 -39.99
N ALA C 229 -33.43 17.85 -39.96
CA ALA C 229 -32.01 17.71 -40.21
C ALA C 229 -31.35 16.88 -39.12
N LEU C 230 -30.50 15.95 -39.55
CA LEU C 230 -29.78 15.08 -38.62
C LEU C 230 -28.32 15.51 -38.49
N PHE C 231 -28.04 16.33 -37.48
CA PHE C 231 -26.68 16.83 -37.25
C PHE C 231 -25.95 15.95 -36.25
N PRO C 232 -24.80 15.38 -36.64
CA PRO C 232 -23.97 14.82 -35.58
C PRO C 232 -23.44 15.93 -34.70
N VAL C 233 -23.26 15.67 -33.41
CA VAL C 233 -22.66 16.65 -32.51
C VAL C 233 -21.58 15.97 -31.69
N HIS C 234 -20.57 16.74 -31.31
CA HIS C 234 -19.55 16.26 -30.37
C HIS C 234 -19.30 17.31 -29.31
N CYS C 235 -19.14 16.87 -28.07
CA CYS C 235 -18.68 17.74 -26.99
C CYS C 235 -17.41 17.14 -26.41
N TRP C 236 -16.48 18.01 -26.03
CA TRP C 236 -15.24 17.57 -25.43
C TRP C 236 -14.74 18.63 -24.46
N PHE C 237 -13.71 18.30 -23.70
CA PHE C 237 -13.10 19.24 -22.77
C PHE C 237 -11.90 19.94 -23.40
N GLU C 238 -11.96 21.27 -23.45
CA GLU C 238 -10.92 22.06 -24.09
C GLU C 238 -10.25 22.87 -23.00
N GLY C 239 -9.16 22.32 -22.45
CA GLY C 239 -8.52 22.92 -21.30
C GLY C 239 -9.50 23.00 -20.15
N ASP C 240 -9.56 24.16 -19.49
CA ASP C 240 -10.51 24.36 -18.40
C ASP C 240 -11.90 24.74 -18.90
N GLY C 241 -12.09 24.76 -20.22
CA GLY C 241 -13.37 25.12 -20.79
C GLY C 241 -14.02 23.94 -21.47
N TRP C 242 -14.93 24.22 -22.38
CA TRP C 242 -15.71 23.17 -23.04
C TRP C 242 -15.73 23.38 -24.56
N GLY C 243 -15.43 22.32 -25.29
CA GLY C 243 -15.44 22.37 -26.74
C GLY C 243 -16.69 21.69 -27.27
N MET C 244 -17.34 22.34 -28.22
CA MET C 244 -18.57 21.82 -28.82
C MET C 244 -18.62 22.14 -30.31
N ARG C 245 -19.21 21.24 -31.08
CA ARG C 245 -19.32 21.42 -32.51
C ARG C 245 -20.55 20.72 -33.07
N VAL C 246 -21.19 21.38 -34.03
CA VAL C 246 -22.26 20.78 -34.80
C VAL C 246 -21.67 20.45 -36.16
N TYR C 247 -21.86 19.21 -36.58
CA TYR C 247 -21.29 18.74 -37.83
C TYR C 247 -22.34 18.75 -38.96
N PRO C 248 -21.87 18.72 -40.22
CA PRO C 248 -22.77 18.73 -41.38
C PRO C 248 -23.84 17.65 -41.31
N GLU C 249 -25.04 18.00 -41.75
CA GLU C 249 -26.19 17.10 -41.63
C GLU C 249 -26.01 15.79 -42.40
N LEU C 250 -26.64 14.74 -41.91
CA LEU C 250 -26.58 13.44 -42.56
C LEU C 250 -27.56 13.35 -43.72
N ASP C 251 -27.15 12.74 -44.81
CA ASP C 251 -28.05 12.50 -45.94
C ASP C 251 -29.12 11.51 -45.48
N THR C 252 -30.39 11.85 -45.61
CA THR C 252 -31.45 10.90 -45.22
C THR C 252 -32.12 10.35 -46.47
N SER C 253 -31.52 10.65 -47.62
CA SER C 253 -32.09 10.28 -48.92
C SER C 253 -32.22 8.78 -49.09
N SER C 254 -31.37 8.02 -48.39
CA SER C 254 -31.36 6.56 -48.49
C SER C 254 -32.57 5.87 -47.85
N GLY C 255 -33.21 6.54 -46.90
CA GLY C 255 -34.29 5.96 -46.14
C GLY C 255 -33.91 4.69 -45.37
N ASP C 256 -32.62 4.50 -45.13
CA ASP C 256 -32.13 3.27 -44.50
C ASP C 256 -31.52 3.61 -43.14
N VAL C 257 -32.19 3.16 -42.08
CA VAL C 257 -31.75 3.46 -40.72
C VAL C 257 -30.31 3.02 -40.42
N THR C 258 -29.92 1.87 -40.97
CA THR C 258 -28.61 1.29 -40.68
C THR C 258 -27.45 2.01 -41.35
N ALA C 259 -27.65 2.41 -42.60
CA ALA C 259 -26.64 3.17 -43.33
C ALA C 259 -26.42 4.53 -42.70
N ILE C 260 -27.51 5.19 -42.34
CA ILE C 260 -27.44 6.52 -41.76
C ILE C 260 -26.80 6.40 -40.39
N THR C 261 -27.21 5.38 -39.64
CA THR C 261 -26.62 5.18 -38.32
C THR C 261 -25.16 4.82 -38.47
N GLN C 262 -24.80 4.13 -39.56
CA GLN C 262 -23.40 3.82 -39.79
C GLN C 262 -22.55 5.06 -40.10
N ALA C 263 -23.08 5.96 -40.94
CA ALA C 263 -22.36 7.20 -41.22
C ALA C 263 -22.19 8.01 -39.93
N LEU C 264 -23.26 8.04 -39.15
CA LEU C 264 -23.25 8.74 -37.88
C LEU C 264 -22.19 8.14 -36.97
N ALA C 265 -22.22 6.81 -36.84
CA ALA C 265 -21.23 6.11 -36.05
C ALA C 265 -19.80 6.40 -36.50
N ASP C 266 -19.58 6.38 -37.81
CA ASP C 266 -18.25 6.65 -38.35
C ASP C 266 -17.75 8.04 -37.98
N ARG C 267 -18.66 9.01 -38.05
CA ARG C 267 -18.29 10.38 -37.73
C ARG C 267 -18.00 10.45 -36.23
N PHE C 268 -18.85 9.80 -35.43
CA PHE C 268 -18.63 9.72 -34.00
C PHE C 268 -17.25 9.11 -33.75
N ALA C 269 -16.92 8.07 -34.51
CA ALA C 269 -15.63 7.41 -34.33
C ALA C 269 -14.50 8.39 -34.61
N ALA C 270 -14.67 9.21 -35.65
CA ALA C 270 -13.64 10.19 -36.00
C ALA C 270 -13.50 11.24 -34.91
N ASN C 271 -14.64 11.64 -34.33
CA ASN C 271 -14.61 12.68 -33.33
C ASN C 271 -14.06 12.15 -32.01
N ILE C 272 -14.45 10.93 -31.64
CA ILE C 272 -13.90 10.32 -30.44
C ILE C 272 -12.40 10.09 -30.67
N ALA C 273 -12.05 9.73 -31.91
CA ALA C 273 -10.65 9.54 -32.25
C ALA C 273 -9.90 10.85 -32.07
N THR C 274 -10.59 11.96 -32.29
CA THR C 274 -9.95 13.27 -32.14
C THR C 274 -9.72 13.61 -30.66
N TYR C 275 -10.67 13.23 -29.80
CA TYR C 275 -10.59 13.52 -28.36
C TYR C 275 -10.87 12.26 -27.54
N PRO C 276 -9.96 11.27 -27.61
CA PRO C 276 -10.21 9.99 -26.96
C PRO C 276 -10.37 10.05 -25.45
N ALA C 277 -9.68 10.96 -24.77
CA ALA C 277 -9.77 11.01 -23.33
C ALA C 277 -11.11 11.54 -22.84
N ASP C 278 -11.86 12.22 -23.71
CA ASP C 278 -13.08 12.87 -23.26
C ASP C 278 -14.33 12.03 -23.46
N TRP C 279 -14.20 10.91 -24.17
CA TRP C 279 -15.31 9.97 -24.33
C TRP C 279 -15.29 8.98 -23.17
N HIS C 280 -15.95 9.30 -22.07
CA HIS C 280 -15.98 8.39 -20.93
C HIS C 280 -17.03 7.29 -21.08
N MET C 281 -16.66 6.23 -21.81
CA MET C 281 -17.46 5.02 -21.87
C MET C 281 -16.76 3.94 -21.04
N LEU C 282 -17.16 3.82 -19.79
CA LEU C 282 -16.60 2.82 -18.88
C LEU C 282 -17.46 1.56 -18.86
N GLN C 283 -18.63 1.64 -19.48
CA GLN C 283 -19.50 0.48 -19.63
C GLN C 283 -19.10 -0.23 -20.91
N PRO C 284 -19.44 -1.53 -21.03
CA PRO C 284 -19.22 -2.28 -22.28
C PRO C 284 -19.88 -1.61 -23.46
N GLN C 285 -19.21 -1.58 -24.60
CA GLN C 285 -19.73 -0.89 -25.77
C GLN C 285 -19.91 -1.90 -26.91
N TRP C 286 -18.85 -2.64 -27.23
CA TRP C 286 -18.90 -3.63 -28.29
C TRP C 286 -19.49 -4.98 -27.86
N ILE C 287 -20.18 -5.63 -28.79
CA ILE C 287 -20.94 -6.84 -28.51
C ILE C 287 -20.03 -7.94 -27.97
N ALA C 288 -18.83 -7.99 -28.55
CA ALA C 288 -17.82 -9.00 -28.22
C ALA C 288 -17.37 -8.99 -26.75
N ASP C 289 -17.59 -7.90 -26.04
CA ASP C 289 -17.13 -7.83 -24.65
C ASP C 289 -18.19 -8.35 -23.69
N LEU C 290 -19.34 -8.72 -24.25
CA LEU C 290 -20.43 -9.30 -23.47
C LEU C 290 -20.17 -10.77 -23.14
N SER C 291 -20.66 -11.23 -22.00
CA SER C 291 -20.70 -12.65 -21.70
C SER C 291 -21.79 -13.26 -22.57
N ASP C 292 -21.73 -14.57 -22.80
CA ASP C 292 -22.71 -15.25 -23.65
C ASP C 292 -24.13 -15.00 -23.14
N GLU C 293 -24.25 -14.81 -21.83
CA GLU C 293 -25.54 -14.58 -21.20
C GLU C 293 -26.06 -13.17 -21.48
N ARG C 294 -25.15 -12.18 -21.46
CA ARG C 294 -25.52 -10.80 -21.77
C ARG C 294 -25.64 -10.63 -23.28
N ARG C 295 -24.80 -11.36 -24.00
CA ARG C 295 -24.79 -11.38 -25.45
C ARG C 295 -26.06 -12.03 -25.99
N ALA C 296 -26.76 -12.74 -25.12
CA ALA C 296 -27.96 -13.48 -25.51
C ALA C 296 -28.99 -12.61 -26.22
N ARG C 297 -29.52 -11.60 -25.52
CA ARG C 297 -30.53 -10.72 -26.11
C ARG C 297 -30.04 -10.08 -27.40
N PRO D 46 -4.91 16.87 -11.70
CA PRO D 46 -4.47 15.47 -11.67
C PRO D 46 -2.98 15.32 -11.35
N GLU D 47 -2.16 16.23 -11.88
CA GLU D 47 -0.72 16.17 -11.69
C GLU D 47 -0.34 16.47 -10.24
N GLN D 48 -1.08 17.41 -9.66
CA GLN D 48 -0.89 17.77 -8.26
C GLN D 48 -1.33 16.63 -7.36
N LEU D 49 -2.38 15.92 -7.79
CA LEU D 49 -2.84 14.74 -7.05
C LEU D 49 -1.73 13.70 -7.05
N ARG D 50 -1.11 13.52 -8.22
CA ARG D 50 0.00 12.59 -8.38
C ARG D 50 1.15 13.02 -7.47
N ARG D 51 1.37 14.32 -7.40
CA ARG D 51 2.47 14.86 -6.60
C ARG D 51 2.16 14.69 -5.11
N ASN D 52 0.88 14.77 -4.77
CA ASN D 52 0.54 14.57 -3.38
C ASN D 52 0.69 13.10 -3.04
N LEU D 53 0.23 12.20 -3.91
CA LEU D 53 0.43 10.79 -3.65
C LEU D 53 1.93 10.48 -3.64
N ALA D 54 2.68 11.25 -4.41
CA ALA D 54 4.13 11.10 -4.46
C ALA D 54 4.62 11.37 -3.07
N ARG D 55 3.99 12.36 -2.43
CA ARG D 55 4.32 12.66 -1.05
C ARG D 55 3.84 11.52 -0.14
N VAL D 56 2.63 11.01 -0.40
CA VAL D 56 2.05 9.98 0.46
C VAL D 56 2.85 8.69 0.55
N VAL D 57 3.38 8.22 -0.58
CA VAL D 57 4.09 6.93 -0.61
C VAL D 57 5.60 7.06 -0.56
N GLY D 58 6.10 8.29 -0.63
CA GLY D 58 7.53 8.53 -0.50
C GLY D 58 8.34 8.12 -1.72
N LYS D 59 7.88 8.51 -2.89
CA LYS D 59 8.56 8.18 -4.15
C LYS D 59 8.52 9.43 -5.02
N PRO D 60 9.44 9.55 -5.98
CA PRO D 60 9.31 10.69 -6.90
C PRO D 60 8.05 10.63 -7.76
N PRO D 61 7.47 11.79 -8.11
CA PRO D 61 6.21 11.84 -8.86
C PRO D 61 6.14 10.92 -10.07
N ALA D 62 7.26 10.83 -10.79
CA ALA D 62 7.31 10.02 -12.02
C ALA D 62 7.16 8.53 -11.75
N ASP D 63 7.50 8.11 -10.55
CA ASP D 63 7.50 6.69 -10.21
C ASP D 63 6.27 6.26 -9.43
N VAL D 64 5.37 7.20 -9.16
CA VAL D 64 4.13 6.88 -8.46
C VAL D 64 3.36 5.87 -9.31
N PRO D 65 2.96 4.72 -8.71
CA PRO D 65 2.34 3.68 -9.55
C PRO D 65 1.14 4.20 -10.34
N ASP D 66 1.09 3.85 -11.62
CA ASP D 66 0.01 4.25 -12.50
C ASP D 66 -1.37 3.83 -11.95
N ASP D 67 -1.41 2.60 -11.47
CA ASP D 67 -2.62 2.00 -10.92
C ASP D 67 -3.15 2.77 -9.71
N LEU D 68 -2.26 3.29 -8.87
CA LEU D 68 -2.67 4.08 -7.72
C LEU D 68 -3.32 5.39 -8.14
N ILE D 69 -2.68 6.09 -9.07
CA ILE D 69 -3.24 7.33 -9.59
C ILE D 69 -4.60 7.06 -10.22
N ARG D 70 -4.70 5.95 -10.94
CA ARG D 70 -5.95 5.55 -11.56
C ARG D 70 -7.01 5.31 -10.49
N ALA D 71 -6.67 4.52 -9.48
CA ALA D 71 -7.63 4.18 -8.43
C ALA D 71 -8.06 5.44 -7.68
N SER D 72 -7.12 6.37 -7.50
CA SER D 72 -7.43 7.61 -6.79
C SER D 72 -8.38 8.50 -7.60
N LEU D 73 -8.14 8.56 -8.92
CA LEU D 73 -9.02 9.32 -9.78
C LEU D 73 -10.41 8.68 -9.84
N ALA D 74 -10.43 7.35 -9.87
CA ALA D 74 -11.69 6.61 -9.87
C ALA D 74 -12.45 6.84 -8.57
N SER D 75 -11.72 6.89 -7.46
CA SER D 75 -12.33 7.11 -6.16
C SER D 75 -12.92 8.51 -6.06
N TYR D 76 -12.17 9.49 -6.57
CA TYR D 76 -12.61 10.87 -6.62
C TYR D 76 -13.91 10.99 -7.45
N ALA D 77 -13.90 10.34 -8.61
CA ALA D 77 -15.07 10.34 -9.47
C ALA D 77 -16.23 9.67 -8.73
N ARG D 78 -15.93 8.58 -8.02
CA ARG D 78 -16.96 7.88 -7.27
C ARG D 78 -17.57 8.82 -6.24
N TYR D 79 -16.71 9.60 -5.58
CA TYR D 79 -17.18 10.57 -4.60
C TYR D 79 -18.20 11.49 -5.21
N TRP D 80 -17.86 12.08 -6.36
CA TRP D 80 -18.79 13.04 -6.96
C TRP D 80 -20.05 12.35 -7.49
N ARG D 81 -19.89 11.12 -7.97
CA ARG D 81 -21.07 10.39 -8.42
C ARG D 81 -22.03 10.09 -7.29
N GLU D 82 -21.48 9.76 -6.13
CA GLU D 82 -22.33 9.49 -4.98
C GLU D 82 -22.92 10.77 -4.41
N ALA D 83 -22.12 11.83 -4.41
CA ALA D 83 -22.58 13.12 -3.91
C ALA D 83 -23.74 13.62 -4.74
N PHE D 84 -23.70 13.35 -6.04
CA PHE D 84 -24.77 13.75 -6.94
C PHE D 84 -26.11 13.14 -6.52
N ARG D 85 -26.10 11.84 -6.21
CA ARG D 85 -27.33 11.08 -5.97
C ARG D 85 -27.70 10.84 -4.51
N LEU D 86 -26.79 11.11 -3.59
CA LEU D 86 -27.00 10.75 -2.18
C LEU D 86 -28.33 11.24 -1.57
N PRO D 87 -28.68 12.53 -1.75
CA PRO D 87 -29.93 13.05 -1.19
C PRO D 87 -31.21 12.28 -1.56
N ALA D 88 -31.19 11.53 -2.65
CA ALA D 88 -32.40 10.84 -3.11
C ALA D 88 -32.39 9.38 -2.67
N MET D 89 -31.27 8.94 -2.11
CA MET D 89 -31.13 7.56 -1.62
C MET D 89 -31.90 7.33 -0.33
N ASP D 90 -32.05 6.05 0.03
CA ASP D 90 -32.70 5.63 1.26
C ASP D 90 -31.73 5.76 2.43
N HIS D 91 -31.77 6.90 3.13
CA HIS D 91 -30.83 7.16 4.22
C HIS D 91 -30.98 6.17 5.37
N GLY D 92 -32.20 5.73 5.63
CA GLY D 92 -32.44 4.73 6.66
C GLY D 92 -31.68 3.45 6.38
N ARG D 93 -31.82 2.94 5.16
CA ARG D 93 -31.14 1.71 4.75
C ARG D 93 -29.63 1.85 4.91
N LEU D 94 -29.10 2.96 4.38
CA LEU D 94 -27.67 3.22 4.47
C LEU D 94 -27.25 3.24 5.93
N GLY D 95 -28.09 3.88 6.75
CA GLY D 95 -27.84 3.96 8.18
C GLY D 95 -27.93 2.59 8.83
N GLU D 96 -28.78 1.75 8.27
CA GLU D 96 -29.02 0.42 8.79
C GLU D 96 -27.96 -0.59 8.39
N GLN D 97 -27.43 -0.47 7.17
CA GLN D 97 -26.64 -1.57 6.60
C GLN D 97 -25.12 -1.32 6.69
N LEU D 98 -24.71 -0.07 6.75
CA LEU D 98 -23.31 0.27 6.94
C LEU D 98 -22.89 0.25 8.40
N ASP D 99 -21.61 -0.06 8.65
CA ASP D 99 -21.06 -0.06 10.00
C ASP D 99 -19.90 0.93 10.12
N VAL D 100 -19.61 1.37 11.34
CA VAL D 100 -18.44 2.19 11.64
C VAL D 100 -17.60 1.49 12.69
N ILE D 101 -16.32 1.24 12.39
CA ILE D 101 -15.44 0.59 13.36
C ILE D 101 -15.17 1.45 14.58
N ASP D 102 -15.38 0.85 15.75
CA ASP D 102 -15.10 1.45 17.05
C ASP D 102 -15.90 2.73 17.28
N ILE D 103 -17.13 2.75 16.80
CA ILE D 103 -18.01 3.89 17.04
C ILE D 103 -18.28 4.08 18.54
N ASP D 104 -18.12 3.00 19.30
CA ASP D 104 -18.36 3.02 20.74
C ASP D 104 -17.46 4.02 21.44
N HIS D 105 -16.33 4.33 20.81
CA HIS D 105 -15.49 5.41 21.27
C HIS D 105 -16.35 6.66 21.41
N LEU D 106 -17.05 6.98 20.33
CA LEU D 106 -17.90 8.17 20.30
C LEU D 106 -19.03 8.02 21.31
N TRP D 107 -19.73 6.88 21.23
CA TRP D 107 -20.89 6.63 22.07
C TRP D 107 -20.52 6.81 23.54
N SER D 108 -19.32 6.36 23.90
CA SER D 108 -18.90 6.41 25.27
C SER D 108 -18.59 7.86 25.63
N ALA D 109 -18.11 8.64 24.67
CA ALA D 109 -17.88 10.06 24.88
C ALA D 109 -19.17 10.83 25.10
N LEU D 110 -20.21 10.42 24.38
CA LEU D 110 -21.51 11.09 24.47
C LEU D 110 -22.27 10.66 25.71
N ASP D 111 -22.03 9.42 26.14
CA ASP D 111 -22.60 8.92 27.39
C ASP D 111 -22.01 9.63 28.60
N ALA D 112 -20.74 10.04 28.47
CA ALA D 112 -20.05 10.75 29.55
C ALA D 112 -20.39 12.24 29.57
N GLY D 113 -21.25 12.68 28.65
CA GLY D 113 -21.71 14.05 28.64
C GLY D 113 -20.68 15.07 28.17
N ARG D 114 -19.60 14.60 27.56
CA ARG D 114 -18.46 15.46 27.26
C ARG D 114 -18.60 16.17 25.91
N GLY D 115 -19.51 15.68 25.08
CA GLY D 115 -19.58 16.11 23.69
C GLY D 115 -18.39 15.52 22.95
N ALA D 116 -18.30 15.74 21.64
CA ALA D 116 -17.21 15.17 20.86
C ALA D 116 -16.94 15.90 19.56
N VAL D 117 -15.66 16.01 19.21
CA VAL D 117 -15.23 16.55 17.92
C VAL D 117 -14.72 15.40 17.04
N LEU D 118 -15.40 15.16 15.93
CA LEU D 118 -14.94 14.18 14.95
C LEU D 118 -14.16 14.86 13.83
N ALA D 119 -12.85 14.64 13.81
CA ALA D 119 -11.97 15.26 12.83
C ALA D 119 -11.47 14.22 11.83
N LEU D 120 -11.64 14.52 10.55
CA LEU D 120 -11.32 13.57 9.49
C LEU D 120 -10.76 14.26 8.26
N PRO D 121 -9.99 13.52 7.44
CA PRO D 121 -9.45 14.09 6.21
C PRO D 121 -10.42 13.93 5.06
N HIS D 122 -10.14 14.54 3.91
CA HIS D 122 -11.00 14.42 2.75
C HIS D 122 -10.75 13.08 2.06
N SER D 123 -11.20 12.01 2.69
CA SER D 123 -11.04 10.66 2.16
C SER D 123 -12.37 9.93 2.11
N GLY D 124 -12.52 9.05 1.12
CA GLY D 124 -13.74 8.28 0.97
C GLY D 124 -14.93 9.17 0.69
N ASN D 125 -16.08 8.84 1.29
CA ASN D 125 -17.25 9.71 1.23
C ASN D 125 -17.72 10.14 2.62
N TRP D 126 -17.24 11.29 3.07
CA TRP D 126 -17.57 11.80 4.39
C TRP D 126 -19.03 12.22 4.54
N ASP D 127 -19.66 12.59 3.43
CA ASP D 127 -21.08 12.93 3.42
C ASP D 127 -21.91 11.70 3.76
N MET D 128 -21.45 10.54 3.31
CA MET D 128 -22.13 9.30 3.58
C MET D 128 -22.03 8.98 5.07
N ALA D 129 -20.84 9.24 5.63
CA ALA D 129 -20.63 9.08 7.06
C ALA D 129 -21.53 10.01 7.84
N GLY D 130 -21.64 11.24 7.34
CA GLY D 130 -22.52 12.23 7.94
C GLY D 130 -23.96 11.75 7.95
N VAL D 131 -24.40 11.20 6.82
CA VAL D 131 -25.72 10.61 6.73
C VAL D 131 -25.86 9.47 7.74
N TRP D 132 -24.81 8.65 7.85
CA TRP D 132 -24.84 7.53 8.77
C TRP D 132 -25.00 8.02 10.21
N LEU D 133 -24.30 9.10 10.55
CA LEU D 133 -24.38 9.63 11.90
C LEU D 133 -25.76 10.25 12.11
N VAL D 134 -26.25 10.97 11.11
CA VAL D 134 -27.59 11.55 11.18
C VAL D 134 -28.60 10.45 11.43
N GLN D 135 -28.38 9.30 10.80
CA GLN D 135 -29.35 8.21 10.88
C GLN D 135 -29.18 7.43 12.18
N ASN D 136 -27.94 7.30 12.65
CA ASN D 136 -27.64 6.49 13.82
C ASN D 136 -27.63 7.25 15.15
N TYR D 137 -27.39 8.57 15.08
CA TYR D 137 -27.40 9.42 16.26
C TYR D 137 -28.41 10.57 16.17
N GLY D 138 -28.23 11.44 15.18
CA GLY D 138 -29.09 12.59 15.01
C GLY D 138 -28.32 13.72 14.34
N PRO D 139 -28.98 14.87 14.14
CA PRO D 139 -28.31 16.02 13.52
C PRO D 139 -27.03 16.45 14.25
N PHE D 140 -26.06 16.93 13.49
CA PHE D 140 -24.80 17.44 14.02
C PHE D 140 -24.42 18.74 13.32
N THR D 141 -23.38 19.40 13.79
CA THR D 141 -22.95 20.68 13.22
C THR D 141 -21.59 20.54 12.55
N THR D 142 -21.42 21.27 11.45
CA THR D 142 -20.15 21.30 10.71
C THR D 142 -19.92 22.69 10.14
N VAL D 143 -18.80 22.87 9.44
CA VAL D 143 -18.50 24.15 8.80
C VAL D 143 -18.09 23.97 7.34
N ALA D 144 -18.36 25.01 6.55
CA ALA D 144 -17.98 25.00 5.13
C ALA D 144 -17.42 26.35 4.71
N GLU D 145 -16.38 26.32 3.88
CA GLU D 145 -15.87 27.52 3.22
C GLU D 145 -17.01 28.19 2.46
N ARG D 146 -17.10 29.52 2.55
CA ARG D 146 -18.15 30.23 1.84
C ARG D 146 -17.68 30.50 0.42
N LEU D 147 -17.89 29.52 -0.45
CA LEU D 147 -17.39 29.56 -1.82
C LEU D 147 -17.98 30.73 -2.62
N LYS D 148 -17.40 30.97 -3.79
CA LYS D 148 -17.93 31.95 -4.73
C LYS D 148 -18.28 31.21 -6.02
N PRO D 149 -19.41 31.57 -6.66
CA PRO D 149 -20.42 32.58 -6.32
C PRO D 149 -21.35 32.13 -5.18
N GLU D 150 -22.12 33.08 -4.63
CA GLU D 150 -23.06 32.79 -3.54
C GLU D 150 -24.10 31.72 -3.87
N SER D 151 -24.47 31.62 -5.14
CA SER D 151 -25.44 30.62 -5.58
C SER D 151 -24.93 29.20 -5.43
N LEU D 152 -23.63 29.03 -5.67
CA LEU D 152 -23.00 27.72 -5.49
C LEU D 152 -22.89 27.38 -4.00
N TYR D 153 -22.56 28.38 -3.19
CA TYR D 153 -22.51 28.18 -1.76
C TYR D 153 -23.88 27.71 -1.30
N ARG D 154 -24.91 28.38 -1.81
CA ARG D 154 -26.27 28.03 -1.44
C ARG D 154 -26.62 26.61 -1.89
N ARG D 155 -26.21 26.26 -3.11
CA ARG D 155 -26.38 24.89 -3.61
C ARG D 155 -25.80 23.86 -2.65
N PHE D 156 -24.56 24.09 -2.22
CA PHE D 156 -23.90 23.16 -1.31
C PHE D 156 -24.57 23.11 0.05
N VAL D 157 -24.97 24.26 0.58
CA VAL D 157 -25.68 24.28 1.85
C VAL D 157 -26.97 23.48 1.75
N GLU D 158 -27.73 23.70 0.68
CA GLU D 158 -28.99 22.99 0.49
C GLU D 158 -28.72 21.49 0.42
N TYR D 159 -27.67 21.14 -0.33
CA TYR D 159 -27.24 19.76 -0.48
C TYR D 159 -26.99 19.12 0.88
N ARG D 160 -26.10 19.70 1.68
CA ARG D 160 -25.75 19.09 2.97
C ARG D 160 -26.91 19.16 3.96
N GLU D 161 -27.71 20.22 3.91
CA GLU D 161 -28.88 20.31 4.78
C GLU D 161 -29.85 19.20 4.41
N SER D 162 -29.90 18.83 3.13
CA SER D 162 -30.76 17.73 2.71
C SER D 162 -30.22 16.37 3.18
N LEU D 163 -28.96 16.34 3.62
CA LEU D 163 -28.37 15.15 4.22
C LEU D 163 -28.60 15.11 5.73
N GLY D 164 -29.08 16.22 6.28
CA GLY D 164 -29.40 16.29 7.69
C GLY D 164 -28.39 17.01 8.56
N PHE D 165 -27.43 17.71 7.95
CA PHE D 165 -26.43 18.44 8.73
C PHE D 165 -26.89 19.85 9.01
N GLU D 166 -26.38 20.38 10.12
CA GLU D 166 -26.40 21.81 10.39
C GLU D 166 -25.02 22.31 9.91
N VAL D 167 -25.05 23.23 8.95
CA VAL D 167 -23.84 23.79 8.35
C VAL D 167 -23.65 25.26 8.68
N LEU D 168 -22.55 25.57 9.33
CA LEU D 168 -22.21 26.95 9.65
C LEU D 168 -21.34 27.52 8.54
N PRO D 169 -21.62 28.76 8.10
CA PRO D 169 -20.67 29.40 7.19
C PRO D 169 -19.37 29.77 7.88
N LEU D 170 -18.22 29.48 7.26
CA LEU D 170 -16.95 29.83 7.86
C LEU D 170 -16.83 31.35 7.92
N THR D 171 -17.55 32.02 7.02
CA THR D 171 -17.55 33.49 6.94
C THR D 171 -18.91 34.03 6.52
N GLY D 172 -19.33 35.14 7.11
CA GLY D 172 -20.53 35.83 6.68
C GLY D 172 -21.81 35.44 7.39
N GLY D 173 -21.69 34.58 8.40
CA GLY D 173 -22.85 34.15 9.14
C GLY D 173 -23.28 35.12 10.24
N GLU D 174 -24.36 34.78 10.92
CA GLU D 174 -24.90 35.62 11.99
C GLU D 174 -23.94 35.73 13.17
N ARG D 175 -23.41 34.59 13.61
CA ARG D 175 -22.51 34.53 14.76
C ARG D 175 -21.17 33.90 14.38
N PRO D 176 -20.14 34.10 15.23
CA PRO D 176 -18.87 33.43 14.98
C PRO D 176 -19.00 31.91 15.05
N PRO D 177 -18.50 31.18 14.03
CA PRO D 177 -18.70 29.73 13.99
C PRO D 177 -18.22 29.00 15.25
N PHE D 178 -17.08 29.43 15.81
CA PHE D 178 -16.49 28.69 16.92
C PHE D 178 -17.12 29.01 18.27
N GLU D 179 -18.12 29.89 18.28
CA GLU D 179 -18.98 30.01 19.45
C GLU D 179 -20.14 29.03 19.37
N VAL D 180 -20.70 28.89 18.17
CA VAL D 180 -21.80 27.96 17.95
C VAL D 180 -21.28 26.54 18.11
N LEU D 181 -20.14 26.25 17.50
CA LEU D 181 -19.54 24.93 17.60
C LEU D 181 -19.32 24.58 19.06
N ALA D 182 -18.69 25.51 19.77
CA ALA D 182 -18.42 25.35 21.20
C ALA D 182 -19.71 25.14 21.99
N GLU D 183 -20.77 25.86 21.61
CA GLU D 183 -22.06 25.68 22.26
C GLU D 183 -22.59 24.28 21.97
N ARG D 184 -22.36 23.80 20.74
CA ARG D 184 -22.76 22.46 20.37
C ARG D 184 -21.99 21.43 21.21
N LEU D 185 -20.68 21.64 21.35
CA LEU D 185 -19.84 20.72 22.10
C LEU D 185 -20.23 20.72 23.58
N THR D 186 -20.55 21.90 24.11
CA THR D 186 -20.91 22.04 25.51
C THR D 186 -22.31 21.51 25.83
N ASP D 187 -23.11 21.29 24.80
CA ASP D 187 -24.43 20.68 24.97
C ASP D 187 -24.36 19.16 24.74
N ASN D 188 -23.15 18.62 24.78
CA ASN D 188 -22.93 17.18 24.60
C ASN D 188 -23.39 16.70 23.23
N ARG D 189 -23.06 17.45 22.19
CA ARG D 189 -23.42 17.07 20.83
C ARG D 189 -22.13 16.86 20.04
N PRO D 190 -22.20 16.04 18.98
CA PRO D 190 -21.03 15.91 18.12
C PRO D 190 -20.98 17.00 17.06
N ILE D 191 -19.76 17.43 16.71
CA ILE D 191 -19.54 18.25 15.53
C ILE D 191 -18.49 17.55 14.67
N CYS D 192 -18.54 17.81 13.37
CA CYS D 192 -17.57 17.23 12.44
C CYS D 192 -16.80 18.32 11.69
N LEU D 193 -15.48 18.15 11.61
CA LEU D 193 -14.61 19.10 10.96
C LEU D 193 -13.64 18.41 10.03
N MET D 194 -13.57 18.88 8.79
CA MET D 194 -12.51 18.50 7.88
C MET D 194 -11.21 19.17 8.30
N ALA D 195 -10.19 18.36 8.58
CA ALA D 195 -9.10 18.81 9.46
C ALA D 195 -7.68 18.57 8.95
N GLU D 196 -7.50 18.22 7.68
CA GLU D 196 -6.13 18.01 7.18
C GLU D 196 -5.71 19.16 6.26
N ARG D 197 -6.57 20.16 6.10
CA ARG D 197 -6.28 21.27 5.19
C ARG D 197 -6.80 22.63 5.67
N ASP D 198 -5.90 23.58 5.81
CA ASP D 198 -6.28 24.95 6.14
C ASP D 198 -5.07 25.84 5.88
N LEU D 199 -4.92 26.25 4.63
CA LEU D 199 -3.74 26.99 4.20
C LEU D 199 -4.00 28.49 4.28
N THR D 200 -4.39 28.93 5.48
CA THR D 200 -4.56 30.35 5.77
C THR D 200 -3.62 30.74 6.91
N ARG D 201 -3.57 32.03 7.21
CA ARG D 201 -2.66 32.54 8.22
C ARG D 201 -2.87 31.86 9.57
N SER D 202 -4.11 31.49 9.87
CA SER D 202 -4.45 30.94 11.18
C SER D 202 -4.29 29.42 11.25
N GLY D 203 -4.07 28.78 10.10
CA GLY D 203 -3.80 27.36 10.08
C GLY D 203 -2.53 27.05 10.83
N VAL D 204 -2.47 25.87 11.45
CA VAL D 204 -1.30 25.48 12.23
C VAL D 204 -0.27 24.82 11.34
N GLN D 205 0.98 25.28 11.40
CA GLN D 205 2.03 24.65 10.62
C GLN D 205 2.35 23.32 11.28
N VAL D 206 2.21 22.23 10.51
CA VAL D 206 2.53 20.90 11.00
C VAL D 206 3.31 20.09 9.97
N ASP D 207 4.05 19.10 10.47
CA ASP D 207 4.68 18.10 9.61
C ASP D 207 3.70 16.99 9.21
N PHE D 208 3.75 16.63 7.93
CA PHE D 208 2.82 15.66 7.33
C PHE D 208 3.57 14.87 6.27
N PHE D 209 3.79 13.58 6.54
CA PHE D 209 4.64 12.76 5.69
C PHE D 209 6.01 13.40 5.48
N GLY D 210 6.56 13.97 6.55
CA GLY D 210 7.93 14.45 6.53
C GLY D 210 8.12 15.83 5.90
N GLU D 211 7.04 16.51 5.56
CA GLU D 211 7.13 17.84 4.96
C GLU D 211 6.05 18.77 5.52
N ALA D 212 6.33 20.06 5.43
CA ALA D 212 5.51 21.09 6.07
C ALA D 212 4.19 21.31 5.35
N THR D 213 3.10 21.25 6.13
CA THR D 213 1.78 21.60 5.64
C THR D 213 1.09 22.44 6.72
N ARG D 214 -0.12 22.89 6.42
CA ARG D 214 -0.95 23.57 7.43
C ARG D 214 -2.28 22.87 7.61
N MET D 215 -2.66 22.66 8.87
CA MET D 215 -3.95 22.06 9.21
C MET D 215 -4.71 23.02 10.11
N PRO D 216 -6.05 22.97 10.06
CA PRO D 216 -6.83 23.92 10.85
C PRO D 216 -6.67 23.74 12.36
N ALA D 217 -6.74 24.85 13.09
CA ALA D 217 -6.53 24.84 14.52
C ALA D 217 -7.83 24.50 15.24
N GLY D 218 -8.94 24.58 14.51
CA GLY D 218 -10.27 24.45 15.08
C GLY D 218 -10.52 23.25 15.98
N PRO D 219 -10.22 22.03 15.51
CA PRO D 219 -10.47 20.85 16.33
C PRO D 219 -9.78 20.89 17.69
N ALA D 220 -8.51 21.29 17.68
CA ALA D 220 -7.75 21.39 18.92
C ALA D 220 -8.25 22.54 19.78
N LYS D 221 -8.43 23.72 19.20
CA LYS D 221 -8.92 24.85 19.96
C LYS D 221 -10.24 24.51 20.64
N LEU D 222 -11.16 23.93 19.87
CA LEU D 222 -12.47 23.57 20.38
C LEU D 222 -12.40 22.49 21.46
N ALA D 223 -11.54 21.50 21.23
CA ALA D 223 -11.40 20.41 22.18
C ALA D 223 -10.79 20.90 23.49
N ILE D 224 -9.76 21.74 23.38
CA ILE D 224 -9.12 22.34 24.54
C ILE D 224 -10.13 23.22 25.28
N GLU D 225 -10.86 24.03 24.51
CA GLU D 225 -11.80 24.98 25.09
C GLU D 225 -13.00 24.31 25.75
N THR D 226 -13.48 23.20 25.19
CA THR D 226 -14.74 22.63 25.66
C THR D 226 -14.54 21.34 26.47
N GLY D 227 -13.39 20.70 26.32
CA GLY D 227 -13.17 19.41 26.95
C GLY D 227 -13.75 18.27 26.15
N ALA D 228 -14.36 18.60 25.02
CA ALA D 228 -14.93 17.59 24.13
C ALA D 228 -13.87 16.61 23.67
N ALA D 229 -14.24 15.35 23.55
CA ALA D 229 -13.33 14.33 23.05
C ALA D 229 -12.98 14.62 21.60
N LEU D 230 -11.69 14.52 21.29
CA LEU D 230 -11.21 14.75 19.93
C LEU D 230 -10.87 13.44 19.25
N PHE D 231 -11.83 12.91 18.48
CA PHE D 231 -11.64 11.65 17.79
C PHE D 231 -11.18 11.89 16.37
N PRO D 232 -10.01 11.34 15.99
CA PRO D 232 -9.75 11.31 14.55
C PRO D 232 -10.73 10.37 13.89
N VAL D 233 -11.11 10.66 12.64
CA VAL D 233 -11.98 9.78 11.89
C VAL D 233 -11.37 9.57 10.52
N HIS D 234 -11.64 8.41 9.92
CA HIS D 234 -11.26 8.16 8.55
C HIS D 234 -12.44 7.53 7.82
N CYS D 235 -12.67 7.96 6.58
CA CYS D 235 -13.62 7.31 5.70
C CYS D 235 -12.93 6.84 4.43
N TRP D 236 -13.32 5.68 3.92
CA TRP D 236 -12.76 5.19 2.68
C TRP D 236 -13.77 4.34 1.94
N PHE D 237 -13.43 3.95 0.71
CA PHE D 237 -14.29 3.09 -0.11
C PHE D 237 -13.88 1.63 0.02
N GLU D 238 -14.83 0.80 0.44
CA GLU D 238 -14.58 -0.62 0.70
C GLU D 238 -15.37 -1.40 -0.34
N GLY D 239 -14.72 -1.74 -1.45
CA GLY D 239 -15.40 -2.36 -2.57
C GLY D 239 -16.51 -1.44 -3.05
N ASP D 240 -17.70 -1.99 -3.27
CA ASP D 240 -18.84 -1.16 -3.67
C ASP D 240 -19.51 -0.51 -2.46
N GLY D 241 -18.92 -0.70 -1.28
CA GLY D 241 -19.46 -0.14 -0.07
C GLY D 241 -18.58 0.93 0.54
N TRP D 242 -18.74 1.18 1.82
CA TRP D 242 -18.04 2.25 2.52
C TRP D 242 -17.42 1.79 3.83
N GLY D 243 -16.14 2.11 4.02
CA GLY D 243 -15.46 1.77 5.25
C GLY D 243 -15.31 3.00 6.12
N MET D 244 -15.60 2.87 7.41
CA MET D 244 -15.52 4.00 8.33
C MET D 244 -15.01 3.54 9.68
N ARG D 245 -14.24 4.39 10.35
CA ARG D 245 -13.71 4.04 11.66
C ARG D 245 -13.49 5.28 12.52
N VAL D 246 -13.80 5.15 13.80
CA VAL D 246 -13.47 6.18 14.78
C VAL D 246 -12.27 5.70 15.57
N TYR D 247 -11.25 6.55 15.68
CA TYR D 247 -10.01 6.20 16.36
C TYR D 247 -9.98 6.77 17.78
N PRO D 248 -9.12 6.21 18.65
CA PRO D 248 -8.98 6.66 20.04
C PRO D 248 -8.77 8.17 20.17
N GLU D 249 -9.38 8.76 21.19
CA GLU D 249 -9.36 10.19 21.38
C GLU D 249 -7.95 10.72 21.61
N LEU D 250 -7.72 11.97 21.22
CA LEU D 250 -6.42 12.60 21.40
C LEU D 250 -6.25 13.14 22.81
N ASP D 251 -5.05 12.98 23.38
CA ASP D 251 -4.74 13.56 24.67
C ASP D 251 -4.76 15.08 24.53
N THR D 252 -5.53 15.77 25.36
CA THR D 252 -5.55 17.24 25.30
C THR D 252 -4.84 17.87 26.49
N SER D 253 -4.16 17.01 27.27
CA SER D 253 -3.52 17.44 28.51
C SER D 253 -2.44 18.51 28.30
N SER D 254 -1.84 18.53 27.12
CA SER D 254 -0.78 19.49 26.81
C SER D 254 -1.25 20.93 26.67
N GLY D 255 -2.53 21.11 26.36
CA GLY D 255 -3.05 22.45 26.09
C GLY D 255 -2.34 23.14 24.93
N ASP D 256 -1.69 22.36 24.07
CA ASP D 256 -0.87 22.92 23.00
C ASP D 256 -1.48 22.55 21.65
N VAL D 257 -2.00 23.56 20.95
CA VAL D 257 -2.66 23.39 19.66
C VAL D 257 -1.81 22.68 18.60
N THR D 258 -0.52 22.98 18.60
CA THR D 258 0.39 22.46 17.57
C THR D 258 0.70 20.99 17.76
N ALA D 259 0.90 20.58 19.02
CA ALA D 259 1.15 19.19 19.35
C ALA D 259 -0.08 18.33 19.04
N ILE D 260 -1.24 18.84 19.40
CA ILE D 260 -2.49 18.12 19.18
C ILE D 260 -2.75 18.00 17.70
N THR D 261 -2.55 19.10 16.98
CA THR D 261 -2.76 19.08 15.54
C THR D 261 -1.72 18.16 14.91
N GLN D 262 -0.52 18.09 15.50
CA GLN D 262 0.50 17.18 15.01
C GLN D 262 0.11 15.71 15.20
N ALA D 263 -0.44 15.37 16.36
CA ALA D 263 -0.93 14.02 16.62
C ALA D 263 -2.05 13.65 15.64
N LEU D 264 -2.93 14.63 15.44
CA LEU D 264 -4.04 14.47 14.53
C LEU D 264 -3.51 14.19 13.13
N ALA D 265 -2.56 15.02 12.70
CA ALA D 265 -1.93 14.85 11.40
C ALA D 265 -1.30 13.47 11.28
N ASP D 266 -0.62 13.03 12.34
CA ASP D 266 0.03 11.71 12.32
C ASP D 266 -0.98 10.57 12.13
N ARG D 267 -2.13 10.69 12.79
CA ARG D 267 -3.14 9.63 12.65
C ARG D 267 -3.72 9.67 11.24
N PHE D 268 -4.00 10.89 10.78
CA PHE D 268 -4.47 11.07 9.41
C PHE D 268 -3.47 10.48 8.44
N ALA D 269 -2.18 10.73 8.69
CA ALA D 269 -1.13 10.24 7.82
C ALA D 269 -1.10 8.72 7.79
N ALA D 270 -1.30 8.09 8.94
CA ALA D 270 -1.29 6.63 8.99
C ALA D 270 -2.49 6.06 8.25
N ASN D 271 -3.62 6.74 8.38
CA ASN D 271 -4.83 6.22 7.75
C ASN D 271 -4.80 6.47 6.25
N ILE D 272 -4.31 7.63 5.83
CA ILE D 272 -4.18 7.89 4.41
C ILE D 272 -3.14 6.93 3.84
N ALA D 273 -2.10 6.65 4.64
CA ALA D 273 -1.08 5.71 4.20
C ALA D 273 -1.70 4.33 4.01
N THR D 274 -2.72 4.03 4.81
CA THR D 274 -3.40 2.74 4.71
C THR D 274 -4.28 2.63 3.46
N TYR D 275 -4.95 3.72 3.09
CA TYR D 275 -5.86 3.73 1.94
C TYR D 275 -5.57 4.91 1.03
N PRO D 276 -4.39 4.90 0.38
CA PRO D 276 -3.98 6.06 -0.42
C PRO D 276 -4.92 6.41 -1.56
N ALA D 277 -5.56 5.43 -2.19
CA ALA D 277 -6.40 5.74 -3.34
C ALA D 277 -7.69 6.46 -2.94
N ASP D 278 -8.06 6.39 -1.66
CA ASP D 278 -9.34 6.95 -1.27
C ASP D 278 -9.22 8.38 -0.75
N TRP D 279 -8.00 8.86 -0.55
CA TRP D 279 -7.80 10.25 -0.16
C TRP D 279 -7.68 11.12 -1.42
N HIS D 280 -8.80 11.60 -1.93
CA HIS D 280 -8.81 12.47 -3.11
C HIS D 280 -8.51 13.95 -2.82
N MET D 281 -7.22 14.25 -2.72
CA MET D 281 -6.71 15.61 -2.63
C MET D 281 -6.07 16.04 -3.96
N LEU D 282 -6.83 16.71 -4.83
CA LEU D 282 -6.28 17.19 -6.10
C LEU D 282 -5.77 18.61 -6.02
N GLN D 283 -6.07 19.31 -4.93
CA GLN D 283 -5.50 20.65 -4.77
C GLN D 283 -4.15 20.53 -4.06
N PRO D 284 -3.29 21.53 -4.23
CA PRO D 284 -2.03 21.58 -3.48
C PRO D 284 -2.21 21.55 -1.97
N GLN D 285 -1.37 20.80 -1.27
CA GLN D 285 -1.49 20.66 0.18
C GLN D 285 -0.25 21.12 0.91
N TRP D 286 0.92 20.61 0.51
CA TRP D 286 2.13 21.00 1.19
C TRP D 286 2.61 22.35 0.69
N ILE D 287 3.22 23.10 1.61
CA ILE D 287 3.59 24.49 1.39
C ILE D 287 4.56 24.63 0.22
N ALA D 288 5.49 23.67 0.10
CA ALA D 288 6.49 23.73 -0.95
C ALA D 288 5.85 23.72 -2.33
N ASP D 289 4.59 23.28 -2.43
CA ASP D 289 3.94 23.20 -3.72
C ASP D 289 3.18 24.49 -3.99
N LEU D 290 3.22 25.40 -3.02
CA LEU D 290 2.62 26.72 -3.16
C LEU D 290 3.51 27.60 -4.01
N SER D 291 2.92 28.52 -4.77
CA SER D 291 3.72 29.54 -5.43
C SER D 291 4.20 30.50 -4.34
N ASP D 292 5.28 31.21 -4.59
CA ASP D 292 5.81 32.17 -3.62
C ASP D 292 4.73 33.20 -3.31
N GLU D 293 3.87 33.43 -4.30
CA GLU D 293 2.78 34.38 -4.17
C GLU D 293 1.71 33.83 -3.23
N ARG D 294 1.46 32.53 -3.33
CA ARG D 294 0.51 31.85 -2.45
C ARG D 294 1.11 31.57 -1.07
N ARG D 295 2.42 31.31 -1.04
CA ARG D 295 3.10 31.04 0.23
C ARG D 295 3.13 32.31 1.09
N ALA D 296 3.05 33.45 0.43
CA ALA D 296 3.00 34.75 1.09
C ALA D 296 1.66 34.93 1.82
N ARG D 297 0.58 34.60 1.12
CA ARG D 297 -0.78 34.78 1.63
C ARG D 297 -0.94 34.23 3.04
N LEU D 298 -0.21 33.17 3.35
CA LEU D 298 -0.22 32.61 4.69
C LEU D 298 0.62 33.49 5.62
#